data_3FSE
#
_entry.id   3FSE
#
_cell.length_a   137.360
_cell.length_b   39.690
_cell.length_c   123.060
_cell.angle_alpha   90.000
_cell.angle_beta   93.040
_cell.angle_gamma   90.000
#
_symmetry.space_group_name_H-M   'C 1 2 1'
#
loop_
_entity.id
_entity.type
_entity.pdbx_description
1 polymer 'two-domain protein containing DJ-1/ThiJ/PfpI-like and ferritin-like domains'
2 non-polymer 1,2-ETHANEDIOL
3 water water
#
_entity_poly.entity_id   1
_entity_poly.type   'polypeptide(L)'
_entity_poly.pdbx_seq_one_letter_code
;G(MSE)TNHNNSGKKKVAILIEQAVEDTEFIIPCNGLKQAGFEVVVLGSR(MSE)NEKYKGKRGRLSTQADGTTTEAIAS
EFDAVVIPGG(MSE)APDK(MSE)RRNPNTVRFVQEA(MSE)EQGKLVAAV(CSX)HGPQVLIEGDLLRGKQATGFIAIS
KD(MSE)(MSE)NAGADYLDEALVVDGNLITSREPGDLAIFTTAILSRLGYGGKDAALPDEKDRNAEWWKLADAWGGSTK
GDIVRGLNTALGGERYSLEALEKYTEKESDVEAKALFQE(MSE)ITNKQRHIEYLETYLTRLGEKPSLSANIANQYAKVK
TALTGSDDIYQIRSALGDIQTGIGDIGNLCA(MSE)YTDPIATAIFKEIYKDLVKYEQRLVSLYRTRTNATVQPPKPTTG
AAVS(MSE)
;
_entity_poly.pdbx_strand_id   A,B
#
# COMPACT_ATOMS: atom_id res chain seq x y z
N LYS A 11 26.26 15.96 -13.63
CA LYS A 11 25.42 15.73 -12.39
C LYS A 11 24.42 14.57 -12.61
N LYS A 12 24.53 13.56 -11.76
CA LYS A 12 23.80 12.30 -11.88
C LYS A 12 22.77 12.15 -10.76
N VAL A 13 21.53 11.79 -11.12
CA VAL A 13 20.42 11.70 -10.18
C VAL A 13 19.71 10.34 -10.30
N ALA A 14 19.43 9.73 -9.15
CA ALA A 14 18.75 8.44 -9.13
C ALA A 14 17.27 8.70 -8.85
N ILE A 15 16.41 7.97 -9.54
CA ILE A 15 14.99 7.98 -9.23
C ILE A 15 14.63 6.53 -8.98
N LEU A 16 14.15 6.25 -7.79
CA LEU A 16 13.79 4.89 -7.42
C LEU A 16 12.41 4.56 -8.00
N ILE A 17 12.25 3.32 -8.41
CA ILE A 17 10.98 2.85 -8.92
C ILE A 17 10.66 1.45 -8.38
N GLU A 18 9.38 1.17 -8.31
CA GLU A 18 8.84 -0.15 -7.99
C GLU A 18 7.41 -0.21 -8.52
N GLN A 19 6.80 -1.39 -8.45
CA GLN A 19 5.44 -1.55 -8.94
C GLN A 19 4.43 -0.66 -8.22
N ALA A 20 3.46 -0.17 -8.99
CA ALA A 20 2.35 0.62 -8.47
C ALA A 20 2.78 1.95 -7.87
N VAL A 21 3.85 2.53 -8.42
CA VAL A 21 4.28 3.86 -8.04
C VAL A 21 3.18 4.81 -8.49
N GLU A 22 2.94 5.89 -7.75
CA GLU A 22 1.99 6.91 -8.20
C GLU A 22 2.66 7.54 -9.44
N ASP A 23 2.05 7.31 -10.60
CA ASP A 23 2.59 7.67 -11.93
C ASP A 23 3.27 9.04 -12.02
N THR A 24 2.53 10.10 -11.67
CA THR A 24 3.07 11.45 -11.75
C THR A 24 4.23 11.73 -10.82
N GLU A 25 4.24 11.04 -9.66
CA GLU A 25 5.32 11.24 -8.67
C GLU A 25 6.67 10.75 -9.17
N PHE A 26 6.64 9.81 -10.15
CA PHE A 26 7.81 9.39 -10.89
C PHE A 26 8.03 10.31 -12.12
N ILE A 27 6.99 10.50 -12.92
CA ILE A 27 7.08 11.24 -14.22
C ILE A 27 7.55 12.70 -14.13
N ILE A 28 6.97 13.47 -13.21
CA ILE A 28 7.29 14.91 -13.07
C ILE A 28 8.74 15.15 -12.70
N PRO A 29 9.26 14.52 -11.61
CA PRO A 29 10.66 14.66 -11.26
C PRO A 29 11.59 14.15 -12.36
N CYS A 30 11.21 13.04 -12.99
CA CYS A 30 12.00 12.49 -14.09
C CYS A 30 12.12 13.48 -15.26
N ASN A 31 10.99 14.02 -15.72
CA ASN A 31 10.98 15.01 -16.81
C ASN A 31 11.64 16.32 -16.45
N GLY A 32 11.40 16.82 -15.23
CA GLY A 32 12.06 18.05 -14.77
C GLY A 32 13.57 17.96 -14.76
N LEU A 33 14.07 16.85 -14.22
CA LEU A 33 15.52 16.58 -14.14
C LEU A 33 16.11 16.35 -15.53
N LYS A 34 15.44 15.60 -16.40
CA LYS A 34 15.92 15.39 -17.78
C LYS A 34 15.91 16.69 -18.57
N GLN A 35 14.82 17.45 -18.49
CA GLN A 35 14.74 18.77 -19.16
C GLN A 35 15.83 19.77 -18.67
N ALA A 36 16.25 19.62 -17.41
CA ALA A 36 17.32 20.45 -16.82
C ALA A 36 18.72 20.01 -17.23
N GLY A 37 18.85 18.92 -17.99
CA GLY A 37 20.13 18.41 -18.46
C GLY A 37 20.86 17.45 -17.53
N PHE A 38 20.20 16.96 -16.49
CA PHE A 38 20.81 16.00 -15.57
C PHE A 38 20.70 14.59 -16.12
N GLU A 39 21.69 13.75 -15.82
CA GLU A 39 21.63 12.35 -16.19
C GLU A 39 20.74 11.66 -15.15
N VAL A 40 19.59 11.12 -15.58
CA VAL A 40 18.66 10.44 -14.68
C VAL A 40 18.79 8.92 -14.87
N VAL A 41 19.01 8.22 -13.77
CA VAL A 41 19.16 6.79 -13.71
C VAL A 41 17.97 6.25 -12.90
N VAL A 42 17.14 5.45 -13.55
CA VAL A 42 15.97 4.86 -12.91
C VAL A 42 16.45 3.55 -12.26
N LEU A 43 16.37 3.48 -10.93
CA LEU A 43 16.82 2.31 -10.18
C LEU A 43 15.66 1.52 -9.63
N GLY A 44 15.48 0.31 -10.17
CA GLY A 44 14.50 -0.63 -9.68
C GLY A 44 15.16 -1.69 -8.81
N SER A 45 14.38 -2.73 -8.56
CA SER A 45 14.84 -3.93 -7.85
C SER A 45 15.47 -4.91 -8.82
N ARG A 46 15.04 -4.90 -10.09
CA ARG A 46 15.62 -5.80 -11.10
CA ARG A 46 15.61 -5.81 -11.10
C ARG A 46 15.44 -5.29 -12.53
N ASN A 48 14.76 -5.91 -16.75
CA ASN A 48 13.71 -6.67 -17.49
C ASN A 48 12.38 -6.89 -16.72
N GLU A 49 12.01 -5.91 -15.89
CA GLU A 49 10.71 -5.89 -15.22
C GLU A 49 10.11 -4.55 -15.66
N LYS A 50 8.91 -4.61 -16.23
CA LYS A 50 8.18 -3.41 -16.65
C LYS A 50 7.47 -2.89 -15.41
N TYR A 51 7.97 -1.79 -14.85
CA TYR A 51 7.35 -1.17 -13.67
C TYR A 51 6.16 -0.38 -14.15
N LYS A 52 5.00 -0.69 -13.58
CA LYS A 52 3.75 -0.08 -14.00
C LYS A 52 3.20 0.80 -12.91
N GLY A 53 2.74 1.99 -13.30
CA GLY A 53 2.17 2.93 -12.40
C GLY A 53 0.81 2.50 -11.90
N LYS A 54 0.48 2.99 -10.70
CA LYS A 54 -0.82 2.78 -10.06
C LYS A 54 -2.00 3.08 -11.00
N ARG A 55 -1.89 4.15 -11.81
CA ARG A 55 -2.96 4.59 -12.74
C ARG A 55 -2.87 3.97 -14.15
N GLY A 56 -1.89 3.10 -14.40
CA GLY A 56 -1.72 2.47 -15.71
C GLY A 56 -1.16 3.31 -16.85
N ARG A 57 -0.62 4.49 -16.56
CA ARG A 57 -0.03 5.37 -17.59
C ARG A 57 1.48 5.13 -17.73
N LEU A 58 2.17 5.08 -16.61
CA LEU A 58 3.59 4.81 -16.58
C LEU A 58 3.89 3.31 -16.77
N SER A 59 4.84 3.02 -17.67
CA SER A 59 5.35 1.65 -17.87
C SER A 59 6.79 1.79 -18.34
N THR A 60 7.74 1.48 -17.46
CA THR A 60 9.15 1.60 -17.81
C THR A 60 10.01 0.52 -17.18
N GLN A 61 11.10 0.21 -17.86
CA GLN A 61 12.09 -0.70 -17.31
C GLN A 61 13.14 0.17 -16.59
N ALA A 62 13.87 -0.45 -15.65
CA ALA A 62 14.92 0.22 -14.91
C ALA A 62 16.17 0.32 -15.78
N ASP A 63 16.97 1.35 -15.48
CA ASP A 63 18.31 1.55 -16.08
C ASP A 63 19.35 0.76 -15.26
N GLY A 64 19.06 0.57 -13.98
CA GLY A 64 19.94 -0.16 -13.07
C GLY A 64 19.13 -0.62 -11.89
N THR A 65 19.80 -1.25 -10.94
CA THR A 65 19.16 -1.66 -9.70
C THR A 65 19.91 -1.10 -8.51
N THR A 66 19.22 -1.07 -7.36
CA THR A 66 19.81 -0.61 -6.11
C THR A 66 20.86 -1.56 -5.55
N THR A 67 20.97 -2.78 -6.10
CA THR A 67 21.97 -3.77 -5.66
C THR A 67 23.39 -3.35 -6.06
N GLU A 68 23.56 -3.03 -7.34
CA GLU A 68 24.88 -2.59 -7.85
C GLU A 68 25.13 -1.08 -7.83
N ALA A 69 24.10 -0.26 -7.69
CA ALA A 69 24.26 1.19 -7.66
C ALA A 69 25.10 1.65 -6.45
N ILE A 70 25.89 2.70 -6.66
CA ILE A 70 26.79 3.29 -5.66
C ILE A 70 26.32 4.72 -5.35
N ALA A 71 25.80 4.94 -4.13
CA ALA A 71 25.25 6.24 -3.70
C ALA A 71 26.19 7.44 -3.88
N SER A 72 27.48 7.22 -3.63
CA SER A 72 28.50 8.29 -3.81
C SER A 72 28.56 8.89 -5.21
N GLU A 73 28.13 8.13 -6.23
CA GLU A 73 28.10 8.60 -7.62
C GLU A 73 26.96 9.56 -7.94
N PHE A 74 25.95 9.69 -7.06
CA PHE A 74 24.78 10.51 -7.33
C PHE A 74 24.70 11.78 -6.52
N ASP A 75 24.24 12.86 -7.15
CA ASP A 75 24.04 14.12 -6.44
C ASP A 75 22.72 14.12 -5.68
N ALA A 76 21.78 13.29 -6.12
CA ALA A 76 20.49 13.22 -5.47
C ALA A 76 19.78 11.89 -5.72
N VAL A 77 18.88 11.56 -4.79
CA VAL A 77 18.02 10.37 -4.90
C VAL A 77 16.58 10.84 -4.67
N VAL A 78 15.70 10.45 -5.58
CA VAL A 78 14.27 10.79 -5.55
C VAL A 78 13.48 9.51 -5.28
N ILE A 79 12.63 9.59 -4.28
CA ILE A 79 11.82 8.48 -3.84
C ILE A 79 10.32 8.82 -4.08
N PRO A 80 9.75 8.29 -5.16
CA PRO A 80 8.30 8.51 -5.39
C PRO A 80 7.43 7.62 -4.49
N GLY A 81 6.12 7.86 -4.52
CA GLY A 81 5.18 7.19 -3.62
C GLY A 81 4.23 6.21 -4.26
N GLY A 82 2.95 6.35 -3.92
CA GLY A 82 1.96 5.36 -4.31
C GLY A 82 2.24 4.17 -3.40
N ALA A 84 4.47 1.85 -4.22
CA ALA A 84 5.84 1.41 -4.48
C ALA A 84 6.75 1.32 -3.22
N PRO A 85 6.72 2.34 -2.33
CA PRO A 85 7.55 2.24 -1.10
C PRO A 85 7.32 1.00 -0.21
N ASP A 86 6.10 0.44 -0.23
CA ASP A 86 5.79 -0.77 0.53
C ASP A 86 6.68 -1.94 0.02
N LYS A 87 7.05 -1.92 -1.26
CA LYS A 87 7.91 -2.94 -1.84
C LYS A 87 9.39 -2.49 -1.73
N ARG A 89 10.84 -0.71 0.59
CA ARG A 89 11.32 -0.85 1.97
C ARG A 89 11.68 -2.29 2.37
N ARG A 90 11.14 -3.26 1.62
CA ARG A 90 11.53 -4.68 1.79
C ARG A 90 12.81 -5.08 1.03
N ASN A 91 13.35 -4.21 0.18
CA ASN A 91 14.57 -4.47 -0.55
C ASN A 91 15.70 -3.86 0.28
N PRO A 92 16.57 -4.72 0.88
CA PRO A 92 17.63 -4.19 1.73
C PRO A 92 18.66 -3.35 0.97
N ASN A 93 18.84 -3.63 -0.32
CA ASN A 93 19.78 -2.87 -1.17
C ASN A 93 19.28 -1.42 -1.32
N THR A 94 17.98 -1.28 -1.50
CA THR A 94 17.30 0.02 -1.65
C THR A 94 17.39 0.81 -0.36
N VAL A 95 17.11 0.16 0.77
CA VAL A 95 17.19 0.78 2.09
C VAL A 95 18.63 1.29 2.34
N ARG A 96 19.61 0.42 2.04
CA ARG A 96 21.04 0.73 2.19
CA ARG A 96 21.03 0.72 2.21
C ARG A 96 21.46 1.90 1.33
N PHE A 97 21.08 1.85 0.05
CA PHE A 97 21.41 2.91 -0.92
C PHE A 97 20.93 4.27 -0.41
N VAL A 98 19.69 4.31 0.06
CA VAL A 98 19.10 5.57 0.61
C VAL A 98 19.83 6.03 1.89
N GLN A 99 20.16 5.10 2.79
CA GLN A 99 20.92 5.40 4.04
C GLN A 99 22.27 6.01 3.69
N GLU A 100 22.93 5.43 2.69
CA GLU A 100 24.26 5.92 2.27
C GLU A 100 24.18 7.31 1.68
N ALA A 101 23.23 7.53 0.77
CA ALA A 101 22.96 8.85 0.19
C ALA A 101 22.70 9.88 1.28
N GLU A 103 23.60 9.67 4.70
CA GLU A 103 24.87 9.83 5.46
C GLU A 103 25.88 10.71 4.74
N GLN A 104 25.99 10.52 3.43
CA GLN A 104 26.93 11.29 2.59
C GLN A 104 26.48 12.73 2.26
N GLY A 105 25.29 13.13 2.70
CA GLY A 105 24.81 14.50 2.45
C GLY A 105 24.31 14.75 1.03
N LYS A 106 23.99 13.70 0.28
CA LYS A 106 23.39 13.86 -1.05
C LYS A 106 21.95 14.31 -0.82
N LEU A 107 21.37 15.02 -1.80
CA LEU A 107 19.97 15.41 -1.70
C LEU A 107 19.11 14.15 -1.71
N VAL A 108 18.26 14.01 -0.69
CA VAL A 108 17.31 12.89 -0.62
C VAL A 108 15.94 13.55 -0.62
N ALA A 109 15.15 13.24 -1.67
CA ALA A 109 13.86 13.87 -1.91
C ALA A 109 12.81 12.79 -1.97
N ALA A 110 11.83 12.85 -1.07
CA ALA A 110 10.78 11.84 -0.98
C ALA A 110 9.41 12.51 -1.02
N VAL A 111 8.46 11.91 -1.73
CA VAL A 111 7.12 12.46 -1.85
C VAL A 111 6.07 11.37 -1.55
N HIS A 113 4.07 8.51 -0.16
CA HIS A 113 4.48 7.34 0.65
C HIS A 113 5.99 7.13 0.66
N GLY A 114 6.72 7.82 -0.24
CA GLY A 114 8.18 7.72 -0.31
C GLY A 114 8.94 7.73 1.03
N PRO A 115 8.54 8.63 1.96
CA PRO A 115 9.16 8.61 3.29
C PRO A 115 9.15 7.26 4.03
N GLN A 116 8.31 6.30 3.63
CA GLN A 116 8.35 4.94 4.22
C GLN A 116 9.74 4.28 4.09
N VAL A 117 10.47 4.60 3.03
CA VAL A 117 11.83 4.11 2.83
C VAL A 117 12.78 4.76 3.85
N LEU A 118 12.50 6.01 4.22
CA LEU A 118 13.29 6.75 5.24
C LEU A 118 13.02 6.18 6.63
N ILE A 119 11.76 5.84 6.90
CA ILE A 119 11.41 5.15 8.15
C ILE A 119 12.17 3.82 8.25
N GLU A 120 12.17 3.05 7.16
CA GLU A 120 12.82 1.73 7.14
C GLU A 120 14.32 1.83 7.43
N GLY A 121 14.96 2.90 6.92
CA GLY A 121 16.38 3.15 7.23
C GLY A 121 16.65 3.91 8.53
N ASP A 122 15.62 4.16 9.34
CA ASP A 122 15.68 4.92 10.57
C ASP A 122 16.37 6.28 10.38
N LEU A 123 15.91 7.02 9.37
CA LEU A 123 16.50 8.30 8.97
C LEU A 123 15.69 9.56 9.29
N LEU A 124 14.62 9.45 10.05
CA LEU A 124 13.74 10.62 10.34
C LEU A 124 13.81 11.22 11.76
N ARG A 125 14.62 10.63 12.65
CA ARG A 125 14.76 11.05 14.06
C ARG A 125 15.16 12.49 14.21
N GLY A 126 14.22 13.31 14.67
CA GLY A 126 14.41 14.73 14.85
C GLY A 126 14.46 15.56 13.58
N LYS A 127 14.07 14.98 12.44
CA LYS A 127 14.03 15.71 11.17
C LYS A 127 12.66 16.32 10.94
N GLN A 128 12.64 17.56 10.42
CA GLN A 128 11.40 18.18 10.01
C GLN A 128 11.08 17.54 8.64
N ALA A 129 9.87 17.04 8.48
CA ALA A 129 9.48 16.39 7.24
C ALA A 129 7.99 16.31 7.07
N THR A 130 7.60 16.01 5.85
CA THR A 130 6.21 15.74 5.49
C THR A 130 6.11 14.46 4.65
N GLY A 131 4.87 14.14 4.31
CA GLY A 131 4.54 12.98 3.49
C GLY A 131 3.04 12.88 3.43
N PHE A 132 2.54 11.87 2.75
CA PHE A 132 1.11 11.66 2.67
C PHE A 132 0.49 11.51 4.05
N ILE A 133 -0.62 12.20 4.28
CA ILE A 133 -1.28 12.21 5.59
C ILE A 133 -1.47 10.80 6.18
N ALA A 134 -1.76 9.80 5.34
CA ALA A 134 -1.93 8.41 5.76
C ALA A 134 -0.76 7.85 6.57
N ILE A 135 0.46 8.27 6.26
CA ILE A 135 1.67 7.81 6.97
C ILE A 135 2.22 8.81 8.01
N SER A 136 1.48 9.90 8.27
CA SER A 136 1.93 10.95 9.17
C SER A 136 2.24 10.40 10.56
N LYS A 137 1.35 9.57 11.11
CA LYS A 137 1.60 8.93 12.42
C LYS A 137 2.84 8.01 12.41
N ASP A 138 3.06 7.29 11.31
CA ASP A 138 4.26 6.44 11.17
C ASP A 138 5.54 7.28 11.19
N ASN A 141 6.00 8.59 14.79
CA ASN A 141 6.54 7.47 15.62
C ASN A 141 8.01 7.17 15.30
N ALA A 142 8.45 7.47 14.09
CA ALA A 142 9.84 7.36 13.66
C ALA A 142 10.68 8.56 14.11
N GLY A 143 10.10 9.51 14.86
CA GLY A 143 10.82 10.70 15.36
C GLY A 143 10.80 11.95 14.50
N ALA A 144 10.04 11.93 13.39
CA ALA A 144 9.95 13.13 12.56
C ALA A 144 9.08 14.19 13.23
N ASP A 145 9.46 15.45 13.00
CA ASP A 145 8.62 16.61 13.35
C ASP A 145 7.77 16.77 12.08
N TYR A 146 6.59 16.15 12.08
CA TYR A 146 5.72 16.11 10.90
C TYR A 146 5.06 17.45 10.72
N LEU A 147 5.14 18.01 9.51
CA LEU A 147 4.49 19.27 9.17
C LEU A 147 3.56 19.04 7.98
N ASP A 148 2.35 19.59 8.06
CA ASP A 148 1.40 19.50 6.97
C ASP A 148 1.65 20.68 6.03
N GLU A 149 2.69 20.56 5.20
CA GLU A 149 3.12 21.61 4.26
CA GLU A 149 3.13 21.61 4.28
C GLU A 149 3.52 21.00 2.92
N ALA A 150 3.43 21.82 1.86
CA ALA A 150 3.75 21.41 0.48
C ALA A 150 5.18 20.93 0.28
N LEU A 151 6.11 21.59 0.97
CA LEU A 151 7.53 21.33 0.86
C LEU A 151 8.16 21.59 2.21
N VAL A 152 8.88 20.62 2.72
CA VAL A 152 9.60 20.72 3.98
C VAL A 152 11.03 20.34 3.65
N VAL A 153 11.97 21.20 4.03
CA VAL A 153 13.38 20.95 3.79
C VAL A 153 14.13 20.99 5.13
N ASP A 154 14.87 19.93 5.43
CA ASP A 154 15.68 19.83 6.62
C ASP A 154 17.06 19.38 6.14
N GLY A 155 17.98 20.33 6.02
CA GLY A 155 19.32 20.06 5.51
C GLY A 155 19.21 19.50 4.10
N ASN A 156 19.72 18.27 3.91
CA ASN A 156 19.67 17.58 2.62
C ASN A 156 18.38 16.77 2.35
N LEU A 157 17.42 16.79 3.29
CA LEU A 157 16.15 16.06 3.16
C LEU A 157 15.04 16.99 2.65
N ILE A 158 14.46 16.65 1.49
CA ILE A 158 13.37 17.38 0.86
C ILE A 158 12.15 16.45 0.86
N THR A 159 11.02 16.89 1.41
CA THR A 159 9.79 16.08 1.38
C THR A 159 8.58 16.89 0.96
N SER A 160 7.63 16.18 0.37
CA SER A 160 6.35 16.72 -0.09
C SER A 160 5.29 15.63 0.14
N ARG A 161 4.02 15.99 -0.02
CA ARG A 161 2.93 15.13 0.44
C ARG A 161 2.18 14.32 -0.57
N GLU A 162 2.04 14.86 -1.79
CA GLU A 162 1.06 14.33 -2.74
C GLU A 162 1.31 14.91 -4.09
N PRO A 163 0.62 14.39 -5.13
CA PRO A 163 0.79 14.89 -6.49
C PRO A 163 0.58 16.41 -6.65
N GLY A 164 -0.32 17.01 -5.87
CA GLY A 164 -0.50 18.48 -5.93
C GLY A 164 0.78 19.27 -5.64
N ASP A 165 1.72 18.65 -4.93
CA ASP A 165 3.01 19.29 -4.55
C ASP A 165 4.17 19.01 -5.49
N LEU A 166 3.94 18.25 -6.58
CA LEU A 166 5.06 17.84 -7.47
C LEU A 166 5.85 18.93 -8.16
N ALA A 167 5.18 20.03 -8.55
CA ALA A 167 5.92 21.13 -9.20
C ALA A 167 6.86 21.80 -8.20
N ILE A 168 6.40 22.07 -6.97
CA ILE A 168 7.27 22.71 -5.96
C ILE A 168 8.41 21.75 -5.50
N PHE A 169 8.06 20.49 -5.31
CA PHE A 169 8.99 19.39 -4.96
C PHE A 169 10.17 19.32 -5.94
N THR A 170 9.80 19.28 -7.22
CA THR A 170 10.75 19.18 -8.32
C THR A 170 11.61 20.46 -8.44
N THR A 171 10.96 21.62 -8.33
CA THR A 171 11.65 22.91 -8.35
C THR A 171 12.69 23.02 -7.22
N ALA A 172 12.32 22.56 -6.01
CA ALA A 172 13.22 22.52 -4.86
C ALA A 172 14.44 21.64 -5.12
N ILE A 173 14.21 20.48 -5.73
CA ILE A 173 15.31 19.57 -6.08
C ILE A 173 16.27 20.27 -7.06
N LEU A 174 15.70 20.82 -8.14
CA LEU A 174 16.49 21.50 -9.18
C LEU A 174 17.30 22.66 -8.63
N SER A 175 16.67 23.51 -7.79
CA SER A 175 17.35 24.65 -7.16
C SER A 175 18.60 24.19 -6.41
N ARG A 176 18.44 23.17 -5.58
CA ARG A 176 19.57 22.59 -4.81
C ARG A 176 20.64 21.86 -5.64
N LEU A 177 20.32 21.51 -6.88
CA LEU A 177 21.28 21.01 -7.88
C LEU A 177 21.87 22.16 -8.73
N GLY A 178 21.55 23.41 -8.38
CA GLY A 178 22.03 24.61 -9.07
C GLY A 178 21.34 24.96 -10.36
N TYR A 179 20.10 24.48 -10.56
CA TYR A 179 19.34 24.74 -11.78
C TYR A 179 18.21 25.69 -11.47
N GLY A 180 18.15 26.80 -12.21
CA GLY A 180 17.13 27.85 -12.04
C GLY A 180 16.19 28.09 -13.22
N GLY A 181 16.30 27.29 -14.28
CA GLY A 181 15.45 27.43 -15.47
C GLY A 181 16.20 27.34 -16.79
N LYS A 182 15.46 27.03 -17.86
CA LYS A 182 16.02 26.88 -19.20
C LYS A 182 16.10 28.23 -19.94
N ASP A 183 14.96 28.69 -20.45
CA ASP A 183 14.84 29.99 -21.16
C ASP A 183 13.85 30.91 -20.42
N ALA A 184 13.78 30.75 -19.10
CA ALA A 184 12.87 31.49 -18.21
C ALA A 184 13.14 31.00 -16.79
N ALA A 185 13.22 31.92 -15.84
CA ALA A 185 13.51 31.56 -14.46
C ALA A 185 12.38 30.75 -13.85
N LEU A 186 12.74 29.61 -13.23
CA LEU A 186 11.78 28.82 -12.46
C LEU A 186 11.47 29.69 -11.24
N PRO A 187 10.23 29.60 -10.72
CA PRO A 187 9.91 30.39 -9.54
C PRO A 187 10.63 29.91 -8.30
N ASP A 188 10.78 30.81 -7.33
CA ASP A 188 11.36 30.44 -6.04
C ASP A 188 10.32 29.56 -5.36
N GLU A 189 10.80 28.58 -4.60
CA GLU A 189 9.90 27.69 -3.84
C GLU A 189 9.07 28.46 -2.79
N LYS A 190 9.58 29.60 -2.33
CA LYS A 190 8.88 30.49 -1.39
C LYS A 190 7.92 31.50 -2.10
N ASP A 191 7.81 31.45 -3.44
CA ASP A 191 6.95 32.35 -4.21
C ASP A 191 5.48 31.99 -3.90
N ARG A 192 4.79 32.94 -3.26
CA ARG A 192 3.37 32.74 -2.87
C ARG A 192 2.36 32.80 -4.03
N ASN A 193 2.79 33.35 -5.17
CA ASN A 193 1.94 33.58 -6.35
C ASN A 193 2.15 32.62 -7.53
N ALA A 194 3.22 31.82 -7.51
CA ALA A 194 3.61 30.97 -8.65
C ALA A 194 2.50 30.03 -9.11
N GLU A 195 2.34 29.94 -10.44
CA GLU A 195 1.35 29.07 -11.07
C GLU A 195 1.98 27.68 -11.23
N TRP A 196 2.06 26.99 -10.09
CA TRP A 196 2.75 25.69 -10.01
C TRP A 196 2.16 24.62 -10.91
N TRP A 197 0.84 24.62 -11.10
CA TRP A 197 0.19 23.59 -11.97
C TRP A 197 0.71 23.60 -13.40
N LYS A 198 1.06 24.78 -13.90
CA LYS A 198 1.60 24.95 -15.27
C LYS A 198 2.97 24.31 -15.41
N LEU A 199 3.80 24.38 -14.36
CA LEU A 199 5.09 23.69 -14.36
C LEU A 199 4.87 22.18 -14.35
N ALA A 200 3.97 21.72 -13.48
CA ALA A 200 3.60 20.31 -13.39
C ALA A 200 3.11 19.81 -14.74
N ASP A 201 2.25 20.60 -15.41
CA ASP A 201 1.73 20.27 -16.73
C ASP A 201 2.85 20.07 -17.78
N ALA A 202 3.77 21.03 -17.81
CA ALA A 202 4.96 21.00 -18.69
C ALA A 202 5.81 19.76 -18.42
N TRP A 203 5.85 19.30 -17.17
CA TRP A 203 6.62 18.11 -16.77
C TRP A 203 5.87 16.78 -16.80
N GLY A 204 4.70 16.75 -17.46
CA GLY A 204 3.93 15.54 -17.64
C GLY A 204 2.79 15.28 -16.67
N GLY A 205 2.42 16.28 -15.88
CA GLY A 205 1.33 16.16 -14.90
C GLY A 205 -0.05 16.51 -15.49
N SER A 206 -0.96 16.94 -14.62
CA SER A 206 -2.32 17.29 -15.00
C SER A 206 -2.41 18.45 -15.99
N THR A 207 -3.25 18.30 -16.99
CA THR A 207 -3.51 19.37 -17.95
C THR A 207 -4.57 20.32 -17.37
N LYS A 208 -4.77 21.46 -18.00
CA LYS A 208 -5.86 22.38 -17.59
C LYS A 208 -7.21 21.64 -17.66
N GLY A 209 -7.42 20.89 -18.72
CA GLY A 209 -8.61 20.06 -18.91
C GLY A 209 -8.85 19.07 -17.79
N ASP A 210 -7.77 18.38 -17.37
CA ASP A 210 -7.82 17.43 -16.26
C ASP A 210 -8.27 18.13 -14.98
N ILE A 211 -7.61 19.23 -14.66
CA ILE A 211 -7.92 20.01 -13.44
C ILE A 211 -9.37 20.51 -13.44
N VAL A 212 -9.83 21.05 -14.58
CA VAL A 212 -11.22 21.53 -14.76
C VAL A 212 -12.23 20.39 -14.55
N ARG A 213 -11.92 19.20 -15.07
CA ARG A 213 -12.74 18.01 -14.87
C ARG A 213 -12.88 17.67 -13.37
N GLY A 214 -11.76 17.70 -12.63
CA GLY A 214 -11.76 17.38 -11.19
C GLY A 214 -12.61 18.38 -10.43
N LEU A 215 -12.39 19.67 -10.71
CA LEU A 215 -13.21 20.77 -10.15
C LEU A 215 -14.71 20.54 -10.43
N ASN A 216 -15.03 20.21 -11.69
CA ASN A 216 -16.43 19.91 -12.07
C ASN A 216 -17.04 18.69 -11.35
N THR A 217 -16.21 17.69 -11.04
CA THR A 217 -16.63 16.52 -10.27
C THR A 217 -17.03 16.93 -8.85
N ALA A 218 -16.16 17.69 -8.19
CA ALA A 218 -16.47 18.20 -6.83
C ALA A 218 -17.72 19.09 -6.87
N LEU A 219 -17.78 19.97 -7.86
CA LEU A 219 -18.88 20.92 -8.02
C LEU A 219 -20.20 20.23 -8.21
N GLY A 220 -20.25 19.22 -9.09
CA GLY A 220 -21.49 18.42 -9.30
C GLY A 220 -21.97 17.77 -8.03
N GLY A 221 -21.05 17.17 -7.29
CA GLY A 221 -21.39 16.53 -6.01
C GLY A 221 -21.89 17.47 -4.92
N GLU A 222 -21.26 18.64 -4.82
CA GLU A 222 -21.65 19.66 -3.85
C GLU A 222 -23.03 20.23 -4.19
N ARG A 223 -23.28 20.47 -5.48
CA ARG A 223 -24.61 20.95 -5.93
CA ARG A 223 -24.60 20.95 -5.92
C ARG A 223 -25.69 19.94 -5.62
N TYR A 224 -25.39 18.65 -5.80
CA TYR A 224 -26.36 17.58 -5.50
C TYR A 224 -26.68 17.53 -4.02
N SER A 225 -25.65 17.54 -3.17
CA SER A 225 -25.83 17.51 -1.71
C SER A 225 -26.51 18.79 -1.17
N LEU A 226 -26.21 19.95 -1.77
CA LEU A 226 -26.89 21.21 -1.45
C LEU A 226 -28.42 21.10 -1.73
N GLU A 227 -28.80 20.65 -2.93
CA GLU A 227 -30.24 20.45 -3.28
C GLU A 227 -30.93 19.45 -2.33
N ALA A 228 -30.21 18.40 -1.93
CA ALA A 228 -30.67 17.41 -0.93
C ALA A 228 -30.89 18.10 0.43
N LEU A 229 -29.89 18.85 0.90
CA LEU A 229 -29.99 19.61 2.16
C LEU A 229 -31.16 20.60 2.17
N GLU A 230 -31.41 21.26 1.04
CA GLU A 230 -32.56 22.20 0.92
C GLU A 230 -33.91 21.47 1.11
N LYS A 231 -34.01 20.26 0.56
CA LYS A 231 -35.21 19.44 0.73
C LYS A 231 -35.32 18.94 2.19
N TYR A 232 -34.19 18.53 2.78
CA TYR A 232 -34.22 18.01 4.17
C TYR A 232 -34.64 19.08 5.16
N THR A 233 -34.01 20.25 5.04
CA THR A 233 -34.27 21.38 5.93
C THR A 233 -35.75 21.79 5.89
N GLU A 234 -36.36 21.76 4.69
CA GLU A 234 -37.79 22.08 4.52
C GLU A 234 -38.70 21.09 5.28
N LYS A 235 -38.39 19.80 5.14
CA LYS A 235 -39.16 18.72 5.79
C LYS A 235 -38.71 18.31 7.21
N GLU A 236 -37.73 19.01 7.80
CA GLU A 236 -37.25 18.69 9.16
C GLU A 236 -38.00 19.55 10.16
N SER A 237 -38.63 18.91 11.14
CA SER A 237 -39.35 19.62 12.22
C SER A 237 -38.44 19.82 13.46
N ASP A 238 -37.38 19.01 13.63
CA ASP A 238 -36.44 19.13 14.76
C ASP A 238 -35.63 20.41 14.58
N VAL A 239 -35.73 21.30 15.56
CA VAL A 239 -35.04 22.61 15.56
C VAL A 239 -33.51 22.52 15.49
N GLU A 240 -32.93 21.64 16.30
CA GLU A 240 -31.47 21.48 16.34
C GLU A 240 -30.91 20.86 15.05
N ALA A 241 -31.63 19.90 14.45
CA ALA A 241 -31.23 19.27 13.19
C ALA A 241 -31.41 20.25 12.04
N LYS A 242 -32.57 20.92 12.02
CA LYS A 242 -32.85 21.94 11.00
C LYS A 242 -31.76 23.02 10.99
N ALA A 243 -31.33 23.45 12.19
CA ALA A 243 -30.24 24.43 12.33
C ALA A 243 -28.91 23.91 11.79
N LEU A 244 -28.64 22.61 11.96
CA LEU A 244 -27.42 21.98 11.42
C LEU A 244 -27.44 22.01 9.91
N PHE A 245 -28.57 21.60 9.33
CA PHE A 245 -28.74 21.58 7.87
C PHE A 245 -28.58 22.96 7.23
N GLN A 246 -29.16 24.02 7.84
CA GLN A 246 -29.03 25.38 7.31
CA GLN A 246 -29.05 25.40 7.36
C GLN A 246 -27.57 25.82 7.32
N GLU A 247 -26.82 25.45 8.37
CA GLU A 247 -25.38 25.77 8.47
C GLU A 247 -24.57 25.02 7.39
N ILE A 249 -25.84 24.10 4.56
CA ILE A 249 -26.21 24.78 3.31
C ILE A 249 -25.25 25.97 3.07
N THR A 250 -25.03 26.79 4.11
CA THR A 250 -24.13 27.96 4.01
C THR A 250 -22.74 27.47 3.56
N ASN A 251 -22.23 26.48 4.28
CA ASN A 251 -20.95 25.84 3.98
C ASN A 251 -20.85 25.33 2.53
N LYS A 252 -21.88 24.63 2.03
CA LYS A 252 -21.90 24.14 0.62
C LYS A 252 -21.86 25.29 -0.38
N GLN A 253 -22.57 26.39 -0.10
CA GLN A 253 -22.54 27.57 -0.97
CA GLN A 253 -22.54 27.56 -0.99
C GLN A 253 -21.13 28.14 -1.05
N ARG A 254 -20.44 28.18 0.09
CA ARG A 254 -19.05 28.68 0.12
C ARG A 254 -18.14 27.75 -0.69
N HIS A 255 -18.33 26.43 -0.54
CA HIS A 255 -17.58 25.45 -1.35
C HIS A 255 -17.80 25.68 -2.84
N ILE A 256 -19.07 25.86 -3.24
CA ILE A 256 -19.43 26.12 -4.63
C ILE A 256 -18.77 27.41 -5.11
N GLU A 257 -18.78 28.45 -4.28
CA GLU A 257 -18.07 29.71 -4.64
C GLU A 257 -16.59 29.46 -4.93
N TYR A 258 -15.89 28.73 -4.06
CA TYR A 258 -14.46 28.42 -4.27
C TYR A 258 -14.21 27.70 -5.59
N LEU A 259 -15.04 26.69 -5.86
CA LEU A 259 -14.94 25.89 -7.10
C LEU A 259 -15.19 26.74 -8.33
N GLU A 260 -16.27 27.54 -8.30
CA GLU A 260 -16.60 28.41 -9.42
C GLU A 260 -15.58 29.49 -9.65
N THR A 261 -15.11 30.13 -8.59
CA THR A 261 -14.12 31.20 -8.72
CA THR A 261 -14.11 31.19 -8.70
C THR A 261 -12.82 30.65 -9.31
N TYR A 262 -12.41 29.46 -8.88
CA TYR A 262 -11.18 28.87 -9.41
C TYR A 262 -11.39 28.42 -10.88
N LEU A 263 -12.53 27.77 -11.17
CA LEU A 263 -12.90 27.43 -12.57
C LEU A 263 -12.82 28.69 -13.47
N THR A 264 -13.33 29.80 -12.97
CA THR A 264 -13.25 31.11 -13.68
C THR A 264 -11.80 31.56 -13.88
N ARG A 265 -10.95 31.39 -12.88
CA ARG A 265 -9.52 31.72 -13.05
C ARG A 265 -8.87 30.88 -14.18
N LEU A 266 -9.26 29.61 -14.29
CA LEU A 266 -8.76 28.70 -15.35
C LEU A 266 -9.44 28.87 -16.74
N GLY A 267 -10.27 29.91 -16.88
CA GLY A 267 -10.88 30.27 -18.14
C GLY A 267 -12.25 29.68 -18.40
N GLU A 268 -12.83 28.99 -17.43
CA GLU A 268 -14.19 28.43 -17.56
C GLU A 268 -15.17 29.50 -17.10
N LYS A 269 -16.44 29.29 -17.45
CA LYS A 269 -17.55 30.20 -17.11
C LYS A 269 -18.69 29.29 -16.60
N PRO A 270 -18.62 28.88 -15.32
CA PRO A 270 -19.60 27.97 -14.72
C PRO A 270 -21.08 28.30 -14.91
N SER A 271 -21.45 29.58 -14.83
CA SER A 271 -22.85 29.99 -15.01
C SER A 271 -23.42 29.79 -16.44
N LEU A 272 -22.55 29.53 -17.43
CA LEU A 272 -23.02 29.29 -18.80
C LEU A 272 -23.57 27.87 -19.00
N SER A 273 -23.16 26.93 -18.15
CA SER A 273 -23.63 25.55 -18.24
C SER A 273 -24.81 25.29 -17.28
N ALA A 274 -25.71 24.41 -17.69
CA ALA A 274 -26.84 23.99 -16.84
C ALA A 274 -26.36 22.89 -15.86
N ASN A 275 -26.93 22.91 -14.64
CA ASN A 275 -26.65 21.93 -13.57
C ASN A 275 -27.94 21.29 -13.04
N ASP A 291 -39.25 9.99 10.94
CA ASP A 291 -39.31 10.96 9.83
C ASP A 291 -38.14 11.94 9.93
N ASP A 292 -38.01 12.57 11.10
CA ASP A 292 -36.92 13.54 11.39
C ASP A 292 -35.54 12.89 11.43
N ILE A 293 -35.45 11.75 12.13
CA ILE A 293 -34.19 10.98 12.19
C ILE A 293 -33.83 10.48 10.77
N TYR A 294 -34.85 10.15 9.95
CA TYR A 294 -34.65 9.71 8.55
C TYR A 294 -33.85 10.73 7.70
N GLN A 295 -34.11 12.03 7.90
CA GLN A 295 -33.41 13.10 7.16
C GLN A 295 -31.92 13.19 7.57
N ILE A 296 -31.67 13.02 8.87
CA ILE A 296 -30.32 12.98 9.44
C ILE A 296 -29.60 11.78 8.86
N ARG A 297 -30.29 10.63 8.82
CA ARG A 297 -29.77 9.40 8.22
C ARG A 297 -29.41 9.67 6.72
N SER A 298 -30.27 10.38 6.00
CA SER A 298 -30.05 10.70 4.58
C SER A 298 -28.88 11.67 4.38
N ALA A 299 -28.84 12.75 5.17
CA ALA A 299 -27.75 13.72 5.16
C ALA A 299 -26.40 13.02 5.40
N LEU A 300 -26.40 12.07 6.34
CA LEU A 300 -25.21 11.29 6.70
C LEU A 300 -24.75 10.46 5.49
N GLY A 301 -25.70 9.79 4.82
CA GLY A 301 -25.39 9.03 3.59
C GLY A 301 -24.80 9.90 2.48
N ASP A 302 -25.35 11.11 2.31
CA ASP A 302 -24.87 12.06 1.31
C ASP A 302 -23.47 12.53 1.61
N ILE A 303 -23.20 12.80 2.89
CA ILE A 303 -21.89 13.28 3.32
C ILE A 303 -20.83 12.19 3.18
N GLN A 304 -21.20 10.93 3.45
CA GLN A 304 -20.27 9.79 3.28
C GLN A 304 -19.89 9.60 1.81
N THR A 305 -20.85 9.79 0.91
CA THR A 305 -20.58 9.80 -0.53
C THR A 305 -19.60 10.90 -0.89
N GLY A 306 -19.86 12.10 -0.38
CA GLY A 306 -19.00 13.27 -0.57
C GLY A 306 -17.58 13.04 -0.10
N ILE A 307 -17.46 12.50 1.11
CA ILE A 307 -16.15 12.17 1.69
C ILE A 307 -15.33 11.22 0.80
N GLY A 308 -16.00 10.21 0.25
CA GLY A 308 -15.36 9.27 -0.67
C GLY A 308 -14.99 9.89 -2.02
N ASP A 309 -15.93 10.59 -2.63
CA ASP A 309 -15.70 11.21 -3.95
C ASP A 309 -14.70 12.35 -3.89
N ILE A 310 -14.87 13.26 -2.93
CA ILE A 310 -13.94 14.42 -2.77
C ILE A 310 -12.57 13.99 -2.25
N GLY A 311 -12.56 13.07 -1.29
CA GLY A 311 -11.33 12.45 -0.79
C GLY A 311 -10.51 11.89 -1.94
N ASN A 312 -11.14 11.15 -2.85
CA ASN A 312 -10.46 10.65 -4.05
C ASN A 312 -9.81 11.76 -4.88
N LEU A 313 -10.52 12.89 -5.07
CA LEU A 313 -9.98 14.02 -5.86
C LEU A 313 -8.71 14.65 -5.26
N CYS A 314 -8.59 14.61 -3.93
CA CYS A 314 -7.44 15.20 -3.21
C CYS A 314 -6.05 14.72 -3.64
N ALA A 315 -5.97 13.51 -4.18
CA ALA A 315 -4.71 12.87 -4.59
C ALA A 315 -4.56 12.70 -6.10
N TYR A 317 -4.71 15.23 -8.82
CA TYR A 317 -4.22 16.28 -9.70
C TYR A 317 -2.94 16.90 -9.21
N THR A 318 -2.16 17.41 -10.15
CA THR A 318 -0.87 18.06 -9.84
C THR A 318 -0.94 19.59 -9.74
N ASP A 319 -2.11 20.11 -9.34
CA ASP A 319 -2.33 21.51 -9.11
C ASP A 319 -2.50 21.66 -7.60
N PRO A 320 -1.60 22.40 -6.92
CA PRO A 320 -1.81 22.61 -5.46
C PRO A 320 -3.07 23.43 -5.10
N ILE A 321 -3.57 24.26 -5.99
CA ILE A 321 -4.75 25.09 -5.70
C ILE A 321 -6.02 24.24 -5.74
N ALA A 322 -6.25 23.51 -6.83
CA ALA A 322 -7.40 22.58 -6.89
C ALA A 322 -7.34 21.62 -5.70
N THR A 323 -6.14 21.05 -5.45
CA THR A 323 -5.92 20.13 -4.34
C THR A 323 -6.32 20.77 -3.01
N ALA A 324 -5.87 22.01 -2.78
CA ALA A 324 -6.21 22.75 -1.53
C ALA A 324 -7.73 22.94 -1.34
N ILE A 325 -8.44 23.22 -2.43
CA ILE A 325 -9.90 23.38 -2.40
C ILE A 325 -10.58 22.05 -2.02
N PHE A 326 -10.18 20.96 -2.68
CA PHE A 326 -10.72 19.61 -2.39
C PHE A 326 -10.48 19.21 -0.93
N LYS A 327 -9.29 19.52 -0.42
CA LYS A 327 -8.95 19.22 0.97
C LYS A 327 -9.78 20.04 1.95
N GLU A 328 -10.10 21.28 1.58
CA GLU A 328 -10.90 22.13 2.43
C GLU A 328 -12.35 21.61 2.49
N ILE A 329 -12.88 21.23 1.32
CA ILE A 329 -14.20 20.61 1.23
C ILE A 329 -14.19 19.32 2.08
N TYR A 330 -13.18 18.47 1.86
CA TYR A 330 -13.01 17.21 2.59
C TYR A 330 -13.07 17.43 4.12
N LYS A 331 -12.21 18.32 4.63
CA LYS A 331 -12.14 18.69 6.06
C LYS A 331 -13.51 19.07 6.61
N ASP A 332 -14.22 19.93 5.87
CA ASP A 332 -15.56 20.38 6.24
C ASP A 332 -16.56 19.25 6.25
N LEU A 333 -16.47 18.36 5.26
CA LEU A 333 -17.37 17.19 5.19
C LEU A 333 -17.18 16.26 6.38
N VAL A 334 -15.92 15.99 6.72
CA VAL A 334 -15.58 15.16 7.89
C VAL A 334 -16.09 15.83 9.19
N LYS A 335 -15.86 17.15 9.33
CA LYS A 335 -16.38 17.91 10.48
CA LYS A 335 -16.37 17.92 10.47
C LYS A 335 -17.89 17.79 10.64
N TYR A 336 -18.63 17.96 9.53
CA TYR A 336 -20.11 17.86 9.58
C TYR A 336 -20.62 16.45 9.80
N GLU A 337 -19.90 15.45 9.30
CA GLU A 337 -20.24 14.03 9.55
C GLU A 337 -20.27 13.77 11.08
N GLN A 338 -19.24 14.25 11.79
CA GLN A 338 -19.23 14.12 13.26
C GLN A 338 -20.38 14.81 13.95
N ARG A 339 -20.74 16.00 13.48
CA ARG A 339 -21.89 16.70 14.05
C ARG A 339 -23.22 15.98 13.79
N LEU A 340 -23.40 15.52 12.56
CA LEU A 340 -24.59 14.75 12.18
C LEU A 340 -24.74 13.46 12.99
N VAL A 341 -23.64 12.73 13.17
CA VAL A 341 -23.68 11.44 13.88
C VAL A 341 -23.91 11.60 15.39
N SER A 342 -23.34 12.65 16.01
CA SER A 342 -23.56 12.91 17.45
CA SER A 342 -23.56 12.90 17.44
C SER A 342 -25.05 13.20 17.67
N LEU A 343 -25.64 13.98 16.75
CA LEU A 343 -27.07 14.31 16.79
C LEU A 343 -27.92 13.05 16.56
N TYR A 344 -27.55 12.26 15.55
CA TYR A 344 -28.19 10.94 15.28
C TYR A 344 -28.19 10.05 16.52
N ARG A 345 -27.03 9.95 17.20
CA ARG A 345 -26.90 9.17 18.46
C ARG A 345 -27.82 9.64 19.57
N THR A 346 -27.85 10.96 19.81
CA THR A 346 -28.73 11.58 20.80
C THR A 346 -30.23 11.31 20.49
N ARG A 347 -30.61 11.48 19.23
CA ARG A 347 -32.00 11.22 18.80
C ARG A 347 -32.38 9.74 18.94
N THR A 348 -31.47 8.84 18.59
CA THR A 348 -31.67 7.40 18.74
C THR A 348 -31.86 7.04 20.24
N ASN A 349 -31.02 7.62 21.11
CA ASN A 349 -31.09 7.40 22.56
C ASN A 349 -32.34 7.96 23.21
N ALA A 350 -32.83 9.09 22.68
CA ALA A 350 -34.09 9.68 23.11
C ALA A 350 -35.34 8.89 22.66
N THR A 351 -35.18 7.99 21.68
CA THR A 351 -36.29 7.19 21.16
C THR A 351 -36.79 6.21 22.20
N VAL A 352 -38.05 6.36 22.58
CA VAL A 352 -38.67 5.46 23.54
C VAL A 352 -38.84 4.07 22.94
N GLN A 353 -38.44 3.06 23.72
CA GLN A 353 -38.72 1.64 23.47
C GLN A 353 -39.46 1.09 24.70
N PRO A 354 -40.59 0.37 24.47
CA PRO A 354 -41.20 0.07 23.14
C PRO A 354 -41.98 1.31 22.63
N PRO A 355 -42.06 1.56 21.30
CA PRO A 355 -42.84 2.71 20.79
C PRO A 355 -44.35 2.66 21.09
N LYS A 356 -44.94 3.83 21.31
CA LYS A 356 -46.37 3.95 21.58
C LYS A 356 -47.17 3.60 20.32
N PRO A 357 -48.30 2.90 20.47
CA PRO A 357 -49.06 2.58 19.25
C PRO A 357 -49.86 3.78 18.72
N THR A 358 -50.01 3.83 17.38
CA THR A 358 -50.81 4.88 16.73
C THR A 358 -51.91 4.26 15.87
N THR A 359 -52.83 5.10 15.44
CA THR A 359 -53.94 4.71 14.57
C THR A 359 -54.01 5.69 13.38
N GLY A 360 -54.98 5.51 12.50
CA GLY A 360 -55.28 6.48 11.44
C GLY A 360 -56.10 7.62 12.04
N ALA A 361 -56.64 8.48 11.18
CA ALA A 361 -57.47 9.65 11.63
C ALA A 361 -58.71 9.30 12.46
N ALA A 362 -59.24 10.32 13.14
CA ALA A 362 -60.43 10.24 13.99
C ALA A 362 -60.24 9.36 15.23
N LYS B 10 -26.64 -15.14 19.58
CA LYS B 10 -25.80 -15.30 18.36
C LYS B 10 -24.74 -14.21 18.36
N LYS B 11 -23.46 -14.59 18.39
CA LYS B 11 -22.38 -13.59 18.39
C LYS B 11 -22.31 -12.78 17.07
N LYS B 12 -22.05 -11.48 17.24
CA LYS B 12 -22.02 -10.50 16.16
C LYS B 12 -20.56 -10.05 15.99
N VAL B 13 -20.05 -10.15 14.76
CA VAL B 13 -18.66 -9.82 14.46
C VAL B 13 -18.62 -8.85 13.28
N ALA B 14 -17.84 -7.78 13.44
CA ALA B 14 -17.63 -6.78 12.37
C ALA B 14 -16.40 -7.19 11.58
N ILE B 15 -16.49 -7.17 10.25
CA ILE B 15 -15.30 -7.32 9.42
C ILE B 15 -15.18 -5.97 8.72
N LEU B 16 -14.06 -5.29 8.94
CA LEU B 16 -13.81 -4.00 8.30
C LEU B 16 -13.43 -4.23 6.85
N ILE B 17 -13.85 -3.32 5.98
CA ILE B 17 -13.50 -3.38 4.56
C ILE B 17 -13.23 -1.98 4.01
N GLU B 18 -12.37 -1.96 3.01
CA GLU B 18 -12.08 -0.80 2.20
C GLU B 18 -11.56 -1.30 0.86
N GLN B 19 -11.36 -0.39 -0.08
CA GLN B 19 -10.85 -0.79 -1.41
C GLN B 19 -9.48 -1.42 -1.34
N ALA B 20 -9.26 -2.39 -2.22
CA ALA B 20 -7.96 -3.06 -2.35
C ALA B 20 -7.54 -3.88 -1.11
N VAL B 21 -8.54 -4.39 -0.38
CA VAL B 21 -8.27 -5.33 0.71
C VAL B 21 -7.69 -6.62 0.10
N GLU B 22 -6.77 -7.27 0.80
CA GLU B 22 -6.17 -8.53 0.35
C GLU B 22 -7.34 -9.52 0.46
N ASP B 23 -7.78 -10.01 -0.69
CA ASP B 23 -9.06 -10.76 -0.83
C ASP B 23 -9.23 -11.87 0.21
N THR B 24 -8.28 -12.78 0.30
CA THR B 24 -8.41 -13.91 1.24
C THR B 24 -8.45 -13.47 2.71
N GLU B 25 -7.81 -12.34 3.03
CA GLU B 25 -7.80 -11.81 4.41
C GLU B 25 -9.19 -11.39 4.90
N PHE B 26 -10.09 -11.10 3.96
CA PHE B 26 -11.50 -10.85 4.24
C PHE B 26 -12.28 -12.16 4.10
N ILE B 27 -12.08 -12.84 2.98
CA ILE B 27 -12.86 -14.06 2.61
C ILE B 27 -12.78 -15.20 3.63
N ILE B 28 -11.57 -15.54 4.06
CA ILE B 28 -11.38 -16.66 4.98
C ILE B 28 -12.06 -16.44 6.34
N PRO B 29 -11.73 -15.33 7.04
CA PRO B 29 -12.45 -15.02 8.28
C PRO B 29 -13.98 -14.95 8.13
N CYS B 30 -14.44 -14.36 7.04
CA CYS B 30 -15.88 -14.24 6.73
C CYS B 30 -16.58 -15.60 6.64
N ASN B 31 -16.01 -16.51 5.86
CA ASN B 31 -16.53 -17.87 5.71
C ASN B 31 -16.34 -18.68 6.98
N GLY B 32 -15.20 -18.53 7.66
CA GLY B 32 -15.00 -19.20 8.96
C GLY B 32 -16.02 -18.81 10.02
N LEU B 33 -16.32 -17.51 10.08
CA LEU B 33 -17.30 -16.96 11.00
C LEU B 33 -18.73 -17.39 10.62
N LYS B 34 -19.07 -17.30 9.32
CA LYS B 34 -20.40 -17.72 8.84
C LYS B 34 -20.65 -19.20 9.04
N GLN B 35 -19.67 -20.03 8.70
CA GLN B 35 -19.78 -21.48 8.91
C GLN B 35 -19.97 -21.86 10.38
N ALA B 36 -19.44 -21.04 11.29
CA ALA B 36 -19.61 -21.21 12.75
C ALA B 36 -20.97 -20.72 13.29
N GLY B 37 -21.79 -20.08 12.46
CA GLY B 37 -23.10 -19.60 12.87
C GLY B 37 -23.13 -18.20 13.48
N PHE B 38 -22.05 -17.41 13.32
CA PHE B 38 -22.04 -16.04 13.86
C PHE B 38 -22.57 -15.08 12.80
N GLU B 39 -23.15 -13.97 13.26
CA GLU B 39 -23.60 -12.91 12.37
C GLU B 39 -22.37 -12.06 11.99
N VAL B 40 -22.09 -11.96 10.70
CA VAL B 40 -20.99 -11.16 10.17
C VAL B 40 -21.60 -9.87 9.62
N VAL B 41 -21.07 -8.72 10.04
CA VAL B 41 -21.51 -7.42 9.56
C VAL B 41 -20.28 -6.79 8.91
N VAL B 42 -20.36 -6.49 7.62
CA VAL B 42 -19.29 -5.87 6.90
C VAL B 42 -19.39 -4.36 7.10
N LEU B 43 -18.37 -3.75 7.74
CA LEU B 43 -18.34 -2.31 7.99
C LEU B 43 -17.35 -1.59 7.08
N GLY B 44 -17.89 -0.78 6.19
CA GLY B 44 -17.10 0.03 5.25
C GLY B 44 -17.11 1.47 5.68
N SER B 45 -16.64 2.34 4.79
CA SER B 45 -16.65 3.80 4.98
C SER B 45 -17.99 4.41 4.52
N ARG B 46 -18.65 3.73 3.59
CA ARG B 46 -19.92 4.17 3.04
C ARG B 46 -20.74 3.01 2.47
N ASN B 48 -23.45 1.49 -0.44
CA ASN B 48 -23.57 1.55 -1.91
C ASN B 48 -22.24 1.65 -2.70
N GLU B 49 -21.10 1.39 -2.07
CA GLU B 49 -19.81 1.33 -2.74
C GLU B 49 -19.48 -0.16 -2.85
N LYS B 50 -19.13 -0.61 -4.06
CA LYS B 50 -18.73 -2.00 -4.30
C LYS B 50 -17.24 -2.06 -3.98
N TYR B 51 -16.90 -2.67 -2.84
CA TYR B 51 -15.52 -2.82 -2.41
C TYR B 51 -14.87 -3.99 -3.13
N LYS B 52 -13.75 -3.74 -3.80
CA LYS B 52 -13.06 -4.73 -4.60
C LYS B 52 -11.76 -5.14 -3.94
N GLY B 53 -11.49 -6.45 -3.88
CA GLY B 53 -10.24 -6.92 -3.33
C GLY B 53 -9.09 -6.59 -4.28
N LYS B 54 -7.86 -6.51 -3.78
CA LYS B 54 -6.72 -6.16 -4.64
CA LYS B 54 -6.73 -6.14 -4.65
C LYS B 54 -6.52 -7.13 -5.81
N ARG B 55 -6.87 -8.40 -5.60
CA ARG B 55 -6.73 -9.41 -6.66
C ARG B 55 -8.04 -9.65 -7.46
N GLY B 56 -9.06 -8.83 -7.21
CA GLY B 56 -10.31 -8.89 -7.94
C GLY B 56 -11.23 -10.08 -7.75
N ARG B 57 -11.02 -10.88 -6.70
CA ARG B 57 -11.87 -12.05 -6.39
C ARG B 57 -13.02 -11.62 -5.48
N LEU B 58 -12.71 -10.79 -4.49
CA LEU B 58 -13.72 -10.24 -3.61
C LEU B 58 -14.37 -9.00 -4.24
N SER B 59 -15.69 -8.97 -4.17
CA SER B 59 -16.49 -7.81 -4.50
C SER B 59 -17.69 -7.82 -3.57
N THR B 60 -17.84 -6.78 -2.77
CA THR B 60 -18.97 -6.70 -1.85
C THR B 60 -19.27 -5.28 -1.39
N GLN B 61 -20.54 -5.04 -1.12
CA GLN B 61 -20.99 -3.80 -0.50
C GLN B 61 -20.98 -4.05 1.01
N ALA B 62 -20.96 -2.95 1.75
CA ALA B 62 -21.00 -2.98 3.19
C ALA B 62 -22.44 -3.14 3.70
N ASP B 63 -22.57 -3.74 4.88
CA ASP B 63 -23.84 -3.88 5.60
C ASP B 63 -24.10 -2.64 6.45
N GLY B 64 -23.03 -1.99 6.86
CA GLY B 64 -23.08 -0.78 7.62
C GLY B 64 -21.77 -0.04 7.46
N THR B 65 -21.65 1.03 8.24
CA THR B 65 -20.53 1.93 8.21
C THR B 65 -19.95 2.10 9.60
N THR B 66 -18.66 2.40 9.68
CA THR B 66 -18.01 2.66 10.98
C THR B 66 -18.45 4.00 11.64
N THR B 67 -19.13 4.86 10.89
CA THR B 67 -19.73 6.11 11.40
C THR B 67 -20.86 5.83 12.39
N GLU B 68 -21.83 5.01 12.01
CA GLU B 68 -22.95 4.70 12.90
C GLU B 68 -22.79 3.42 13.70
N ALA B 69 -21.81 2.55 13.38
CA ALA B 69 -21.65 1.27 14.10
C ALA B 69 -21.41 1.52 15.60
N ILE B 70 -22.02 0.68 16.42
CA ILE B 70 -21.91 0.76 17.88
C ILE B 70 -21.03 -0.44 18.35
N ALA B 71 -19.80 -0.12 18.78
CA ALA B 71 -18.80 -1.13 19.24
C ALA B 71 -19.34 -2.15 20.22
N SER B 72 -20.10 -1.69 21.21
CA SER B 72 -20.69 -2.57 22.25
C SER B 72 -21.56 -3.72 21.72
N GLU B 73 -22.09 -3.57 20.50
CA GLU B 73 -22.91 -4.62 19.90
C GLU B 73 -22.10 -5.78 19.38
N PHE B 74 -20.79 -5.61 19.19
CA PHE B 74 -19.95 -6.63 18.56
C PHE B 74 -19.07 -7.37 19.54
N ASP B 75 -18.94 -8.68 19.33
CA ASP B 75 -18.06 -9.56 20.11
C ASP B 75 -16.63 -9.54 19.61
N ALA B 76 -16.46 -9.21 18.33
CA ALA B 76 -15.15 -9.12 17.71
C ALA B 76 -15.16 -8.18 16.50
N VAL B 77 -13.97 -7.63 16.20
CA VAL B 77 -13.75 -6.79 15.01
C VAL B 77 -12.52 -7.34 14.30
N VAL B 78 -12.68 -7.61 13.00
CA VAL B 78 -11.63 -8.18 12.16
C VAL B 78 -11.16 -7.09 11.18
N ILE B 79 -9.85 -6.87 11.18
CA ILE B 79 -9.19 -5.87 10.36
C ILE B 79 -8.27 -6.60 9.36
N PRO B 80 -8.73 -6.75 8.13
CA PRO B 80 -7.91 -7.36 7.09
C PRO B 80 -6.90 -6.37 6.50
N GLY B 81 -6.00 -6.90 5.68
CA GLY B 81 -4.90 -6.12 5.15
C GLY B 81 -4.99 -5.73 3.71
N GLY B 82 -3.86 -5.87 3.03
CA GLY B 82 -3.71 -5.35 1.69
C GLY B 82 -3.47 -3.86 1.83
N ALA B 84 -6.05 -1.78 1.87
CA ALA B 84 -7.23 -1.24 2.58
C ALA B 84 -6.91 -0.43 3.88
N PRO B 85 -6.03 -0.93 4.79
CA PRO B 85 -5.70 -0.17 6.02
C PRO B 85 -5.17 1.25 5.78
N ASP B 86 -4.45 1.48 4.67
CA ASP B 86 -3.97 2.82 4.29
C ASP B 86 -5.16 3.81 4.15
N LYS B 87 -6.31 3.29 3.71
CA LYS B 87 -7.53 4.08 3.56
CA LYS B 87 -7.54 4.06 3.55
C LYS B 87 -8.32 4.06 4.85
N ARG B 89 -7.31 3.83 7.92
CA ARG B 89 -6.67 4.66 8.96
C ARG B 89 -6.94 6.16 8.80
N ARG B 90 -7.31 6.59 7.61
CA ARG B 90 -7.67 7.98 7.32
C ARG B 90 -9.13 8.30 7.71
N ASN B 91 -9.94 7.27 7.97
CA ASN B 91 -11.33 7.40 8.43
C ASN B 91 -11.34 7.48 9.96
N PRO B 92 -11.64 8.69 10.52
CA PRO B 92 -11.61 8.84 11.97
C PRO B 92 -12.66 7.99 12.71
N ASN B 93 -13.77 7.69 12.04
CA ASN B 93 -14.82 6.82 12.60
C ASN B 93 -14.31 5.37 12.75
N THR B 94 -13.54 4.88 11.77
CA THR B 94 -12.98 3.53 11.80
C THR B 94 -11.98 3.40 12.92
N VAL B 95 -11.09 4.38 13.03
CA VAL B 95 -10.10 4.47 14.10
C VAL B 95 -10.82 4.49 15.45
N ARG B 96 -11.84 5.37 15.58
CA ARG B 96 -12.65 5.48 16.82
CA ARG B 96 -12.61 5.47 16.83
C ARG B 96 -13.31 4.14 17.16
N PHE B 97 -13.96 3.53 16.17
CA PHE B 97 -14.66 2.24 16.34
C PHE B 97 -13.74 1.13 16.92
N VAL B 98 -12.53 1.03 16.35
CA VAL B 98 -11.54 0.04 16.81
C VAL B 98 -11.04 0.37 18.22
N GLN B 99 -10.78 1.65 18.51
CA GLN B 99 -10.37 2.08 19.88
C GLN B 99 -11.45 1.72 20.91
N GLU B 100 -12.72 1.98 20.58
CA GLU B 100 -13.83 1.63 21.49
C GLU B 100 -13.95 0.12 21.68
N ALA B 101 -13.83 -0.65 20.59
CA ALA B 101 -13.87 -2.13 20.66
C ALA B 101 -12.75 -2.67 21.58
N GLU B 103 -11.01 -0.95 23.98
CA GLU B 103 -11.30 -0.38 25.31
C GLU B 103 -12.35 -1.18 26.09
N GLN B 104 -13.36 -1.66 25.36
CA GLN B 104 -14.46 -2.46 25.91
C GLN B 104 -14.17 -3.95 26.03
N GLY B 105 -12.95 -4.40 25.72
CA GLY B 105 -12.59 -5.82 25.85
C GLY B 105 -13.07 -6.73 24.74
N LYS B 106 -13.53 -6.18 23.62
CA LYS B 106 -13.96 -6.99 22.48
C LYS B 106 -12.70 -7.52 21.80
N LEU B 107 -12.82 -8.67 21.14
CA LEU B 107 -11.69 -9.25 20.41
C LEU B 107 -11.39 -8.35 19.21
N VAL B 108 -10.14 -7.95 19.06
CA VAL B 108 -9.68 -7.18 17.91
C VAL B 108 -8.64 -8.04 17.23
N ALA B 109 -8.92 -8.45 15.99
CA ALA B 109 -8.08 -9.35 15.21
C ALA B 109 -7.62 -8.64 13.93
N ALA B 110 -6.30 -8.47 13.75
CA ALA B 110 -5.71 -7.77 12.60
C ALA B 110 -4.69 -8.64 11.90
N VAL B 111 -4.74 -8.69 10.56
CA VAL B 111 -3.76 -9.50 9.80
C VAL B 111 -3.06 -8.65 8.77
N HIS B 113 -1.39 -5.94 6.83
CA HIS B 113 -1.32 -4.48 7.00
C HIS B 113 -2.39 -3.97 7.96
N GLY B 114 -3.33 -4.83 8.36
CA GLY B 114 -4.38 -4.49 9.32
C GLY B 114 -3.91 -3.71 10.54
N PRO B 115 -2.77 -4.11 11.15
CA PRO B 115 -2.27 -3.31 12.28
C PRO B 115 -2.01 -1.82 12.05
N GLN B 116 -1.99 -1.34 10.79
CA GLN B 116 -1.90 0.09 10.53
C GLN B 116 -3.06 0.88 11.16
N VAL B 117 -4.23 0.25 11.27
CA VAL B 117 -5.39 0.87 11.91
C VAL B 117 -5.13 0.98 13.41
N LEU B 118 -4.45 -0.03 13.97
CA LEU B 118 -4.09 -0.07 15.38
C LEU B 118 -3.04 0.99 15.69
N ILE B 119 -2.06 1.15 14.78
CA ILE B 119 -1.07 2.23 14.86
C ILE B 119 -1.77 3.58 14.91
N GLU B 120 -2.70 3.81 13.97
CA GLU B 120 -3.42 5.09 13.90
C GLU B 120 -4.17 5.43 15.19
N GLY B 121 -4.76 4.43 15.85
CA GLY B 121 -5.45 4.58 17.14
C GLY B 121 -4.55 4.55 18.38
N ASP B 122 -3.23 4.48 18.16
CA ASP B 122 -2.23 4.36 19.21
C ASP B 122 -2.56 3.19 20.18
N LEU B 123 -2.83 2.03 19.58
CA LEU B 123 -3.26 0.82 20.30
C LEU B 123 -2.18 -0.26 20.46
N LEU B 124 -0.93 0.03 20.06
CA LEU B 124 0.14 -0.95 20.10
C LEU B 124 1.22 -0.74 21.15
N ARG B 125 1.08 0.29 22.01
CA ARG B 125 2.09 0.64 23.02
C ARG B 125 2.24 -0.48 24.06
N GLY B 126 3.34 -1.21 23.96
CA GLY B 126 3.62 -2.32 24.86
C GLY B 126 3.00 -3.64 24.45
N LYS B 127 2.19 -3.65 23.41
CA LYS B 127 1.50 -4.85 22.93
C LYS B 127 2.47 -5.78 22.21
N GLN B 128 2.33 -7.08 22.45
CA GLN B 128 3.08 -8.08 21.73
C GLN B 128 2.19 -8.39 20.52
N ALA B 129 2.75 -8.27 19.30
CA ALA B 129 1.99 -8.44 18.10
C ALA B 129 2.85 -8.74 16.88
N THR B 130 2.17 -9.13 15.82
CA THR B 130 2.81 -9.38 14.52
C THR B 130 2.04 -8.67 13.43
N GLY B 131 2.53 -8.77 12.22
CA GLY B 131 1.95 -8.12 11.08
C GLY B 131 2.86 -8.34 9.90
N PHE B 132 2.48 -7.82 8.76
CA PHE B 132 3.30 -8.03 7.55
C PHE B 132 4.65 -7.37 7.76
N ILE B 133 5.70 -8.06 7.32
CA ILE B 133 7.07 -7.62 7.50
C ILE B 133 7.32 -6.19 7.02
N ALA B 134 6.62 -5.77 5.97
CA ALA B 134 6.74 -4.41 5.41
C ALA B 134 6.40 -3.32 6.42
N ILE B 135 5.50 -3.61 7.38
CA ILE B 135 5.11 -2.63 8.43
C ILE B 135 5.72 -2.89 9.80
N SER B 136 6.66 -3.84 9.90
CA SER B 136 7.23 -4.24 11.16
C SER B 136 7.90 -3.05 11.88
N LYS B 137 8.64 -2.22 11.17
CA LYS B 137 9.31 -1.07 11.80
C LYS B 137 8.30 -0.03 12.27
N ASP B 138 7.18 0.12 11.55
CA ASP B 138 6.12 1.05 11.96
C ASP B 138 5.46 0.56 13.26
N ASN B 141 8.00 1.14 16.04
CA ASN B 141 7.95 2.57 16.35
C ASN B 141 6.68 3.01 17.12
N ALA B 142 5.58 2.30 16.90
CA ALA B 142 4.32 2.49 17.61
C ALA B 142 4.30 1.83 19.01
N GLY B 143 5.41 1.20 19.40
CA GLY B 143 5.62 0.62 20.72
C GLY B 143 5.33 -0.86 20.86
N ALA B 144 5.10 -1.56 19.75
CA ALA B 144 4.79 -3.00 19.77
C ALA B 144 6.05 -3.83 19.92
N ASP B 145 5.95 -4.96 20.63
CA ASP B 145 7.03 -5.96 20.70
C ASP B 145 6.69 -6.85 19.50
N TYR B 146 7.31 -6.54 18.37
CA TYR B 146 7.04 -7.22 17.12
C TYR B 146 7.69 -8.59 17.12
N LEU B 147 6.90 -9.62 16.85
CA LEU B 147 7.38 -11.00 16.74
C LEU B 147 7.09 -11.51 15.34
N ASP B 148 8.00 -12.32 14.81
CA ASP B 148 7.83 -12.94 13.53
C ASP B 148 7.18 -14.30 13.85
N GLU B 149 5.85 -14.25 14.01
CA GLU B 149 5.04 -15.42 14.39
C GLU B 149 3.78 -15.51 13.56
N ALA B 150 3.31 -16.73 13.35
CA ALA B 150 2.05 -16.97 12.60
C ALA B 150 0.87 -16.33 13.33
N LEU B 151 0.90 -16.42 14.66
CA LEU B 151 -0.14 -15.93 15.53
C LEU B 151 0.42 -15.34 16.82
N VAL B 152 -0.04 -14.15 17.17
CA VAL B 152 0.26 -13.54 18.47
C VAL B 152 -1.04 -13.13 19.10
N VAL B 153 -1.32 -13.61 20.31
CA VAL B 153 -2.51 -13.20 21.04
C VAL B 153 -2.04 -12.45 22.28
N ASP B 154 -2.48 -11.21 22.43
CA ASP B 154 -2.14 -10.41 23.59
C ASP B 154 -3.44 -9.87 24.19
N GLY B 155 -4.01 -10.68 25.09
CA GLY B 155 -5.28 -10.37 25.70
C GLY B 155 -6.33 -10.48 24.61
N ASN B 156 -7.02 -9.37 24.33
CA ASN B 156 -8.05 -9.31 23.28
C ASN B 156 -7.52 -8.98 21.85
N LEU B 157 -6.21 -8.79 21.71
CA LEU B 157 -5.59 -8.47 20.43
C LEU B 157 -5.00 -9.73 19.82
N ILE B 158 -5.45 -10.05 18.62
CA ILE B 158 -5.00 -11.22 17.86
C ILE B 158 -4.38 -10.66 16.60
N THR B 159 -3.15 -11.07 16.30
CA THR B 159 -2.53 -10.66 15.06
C THR B 159 -1.86 -11.83 14.34
N SER B 160 -1.80 -11.69 13.01
CA SER B 160 -1.14 -12.63 12.12
C SER B 160 -0.45 -11.83 11.00
N ARG B 161 0.37 -12.50 10.19
CA ARG B 161 1.24 -11.79 9.21
C ARG B 161 0.81 -11.67 7.78
N GLU B 162 0.15 -12.71 7.28
CA GLU B 162 -0.02 -12.86 5.84
C GLU B 162 -1.05 -13.92 5.52
N PRO B 163 -1.42 -14.03 4.25
CA PRO B 163 -2.41 -15.05 3.87
C PRO B 163 -2.10 -16.48 4.33
N GLY B 164 -0.83 -16.86 4.36
CA GLY B 164 -0.40 -18.18 4.86
C GLY B 164 -0.86 -18.50 6.28
N ASP B 165 -1.05 -17.46 7.09
CA ASP B 165 -1.50 -17.59 8.50
C ASP B 165 -3.02 -17.53 8.70
N LEU B 166 -3.79 -17.37 7.63
CA LEU B 166 -5.23 -17.14 7.77
C LEU B 166 -6.01 -18.23 8.48
N ALA B 167 -5.62 -19.49 8.27
CA ALA B 167 -6.27 -20.63 8.94
C ALA B 167 -6.11 -20.56 10.46
N ILE B 168 -4.88 -20.32 10.91
CA ILE B 168 -4.59 -20.23 12.35
C ILE B 168 -5.21 -18.96 12.95
N PHE B 169 -5.13 -17.84 12.19
CA PHE B 169 -5.74 -16.54 12.59
C PHE B 169 -7.23 -16.69 12.88
N THR B 170 -7.92 -17.29 11.91
CA THR B 170 -9.36 -17.50 12.00
C THR B 170 -9.71 -18.48 13.14
N THR B 171 -8.94 -19.56 13.27
CA THR B 171 -9.13 -20.56 14.35
C THR B 171 -9.04 -19.95 15.75
N ALA B 172 -8.08 -19.04 15.92
CA ALA B 172 -7.87 -18.29 17.17
C ALA B 172 -9.06 -17.39 17.47
N ILE B 173 -9.62 -16.75 16.45
CA ILE B 173 -10.80 -15.88 16.62
C ILE B 173 -12.00 -16.76 17.04
N LEU B 174 -12.26 -17.80 16.24
CA LEU B 174 -13.40 -18.72 16.49
C LEU B 174 -13.39 -19.35 17.89
N SER B 175 -12.22 -19.82 18.34
CA SER B 175 -12.10 -20.47 19.66
C SER B 175 -12.43 -19.52 20.81
N ARG B 176 -11.93 -18.30 20.72
CA ARG B 176 -12.23 -17.27 21.70
C ARG B 176 -13.69 -16.80 21.64
N LEU B 177 -14.39 -17.04 20.52
CA LEU B 177 -15.85 -16.80 20.40
C LEU B 177 -16.68 -18.04 20.86
N GLY B 178 -16.02 -19.07 21.40
CA GLY B 178 -16.67 -20.27 21.90
C GLY B 178 -16.96 -21.37 20.88
N TYR B 179 -16.31 -21.30 19.71
CA TYR B 179 -16.44 -22.29 18.64
C TYR B 179 -15.07 -22.91 18.35
N GLY B 180 -14.81 -24.07 18.94
CA GLY B 180 -13.56 -24.81 18.72
C GLY B 180 -13.86 -26.18 18.09
N GLY B 181 -14.91 -26.24 17.27
CA GLY B 181 -15.35 -27.46 16.57
C GLY B 181 -16.05 -27.15 15.26
N ALA B 185 -13.71 -30.45 15.92
CA ALA B 185 -13.56 -30.25 14.49
C ALA B 185 -12.51 -29.19 14.11
N LEU B 186 -11.94 -28.47 15.10
CA LEU B 186 -10.88 -27.49 14.82
C LEU B 186 -9.68 -27.80 15.69
N PRO B 187 -8.47 -27.71 15.11
CA PRO B 187 -7.27 -27.96 15.90
C PRO B 187 -7.00 -26.84 16.88
N ASP B 188 -6.15 -27.13 17.86
CA ASP B 188 -5.72 -26.12 18.83
C ASP B 188 -4.67 -25.28 18.11
N GLU B 189 -4.69 -23.99 18.37
CA GLU B 189 -3.70 -23.06 17.75
C GLU B 189 -2.23 -23.40 18.05
N LYS B 190 -1.99 -24.09 19.17
CA LYS B 190 -0.65 -24.61 19.56
C LYS B 190 -0.35 -26.01 18.97
N ASP B 191 -1.28 -26.58 18.18
CA ASP B 191 -1.09 -27.90 17.54
C ASP B 191 0.06 -27.79 16.54
N ARG B 192 1.13 -28.53 16.81
CA ARG B 192 2.34 -28.49 15.96
C ARG B 192 2.20 -29.27 14.64
N ASN B 193 1.14 -30.08 14.48
CA ASN B 193 0.96 -30.94 13.28
C ASN B 193 -0.32 -30.73 12.44
N ALA B 194 -1.14 -29.73 12.79
CA ALA B 194 -2.41 -29.47 12.09
C ALA B 194 -2.19 -29.15 10.62
N GLU B 195 -3.08 -29.64 9.75
CA GLU B 195 -2.99 -29.37 8.31
C GLU B 195 -3.80 -28.09 8.05
N TRP B 196 -3.18 -26.96 8.40
CA TRP B 196 -3.82 -25.64 8.33
C TRP B 196 -4.37 -25.27 6.98
N TRP B 197 -3.67 -25.64 5.90
CA TRP B 197 -4.13 -25.28 4.54
C TRP B 197 -5.51 -25.83 4.23
N LYS B 198 -5.85 -27.01 4.79
CA LYS B 198 -7.18 -27.63 4.56
C LYS B 198 -8.31 -26.79 5.13
N LEU B 199 -8.08 -26.18 6.29
CA LEU B 199 -9.03 -25.28 6.92
C LEU B 199 -9.23 -24.02 6.08
N ALA B 200 -8.11 -23.42 5.66
CA ALA B 200 -8.16 -22.23 4.77
C ALA B 200 -8.91 -22.56 3.47
N ASP B 201 -8.64 -23.75 2.92
CA ASP B 201 -9.33 -24.26 1.70
C ASP B 201 -10.86 -24.34 1.90
N ALA B 202 -11.30 -24.94 3.02
CA ALA B 202 -12.73 -24.99 3.38
C ALA B 202 -13.38 -23.59 3.54
N TRP B 203 -12.60 -22.61 4.00
CA TRP B 203 -13.03 -21.24 4.21
C TRP B 203 -12.79 -20.30 2.99
N GLY B 204 -12.43 -20.87 1.84
CA GLY B 204 -12.33 -20.12 0.58
C GLY B 204 -10.97 -19.68 0.10
N GLY B 205 -9.92 -20.25 0.70
CA GLY B 205 -8.56 -19.91 0.34
C GLY B 205 -8.06 -20.83 -0.77
N SER B 206 -6.75 -21.03 -0.80
CA SER B 206 -6.09 -21.86 -1.83
C SER B 206 -6.51 -23.32 -1.79
N THR B 207 -6.78 -23.86 -2.98
CA THR B 207 -7.07 -25.28 -3.17
C THR B 207 -5.76 -26.06 -3.15
N LYS B 208 -5.86 -27.37 -3.10
CA LYS B 208 -4.62 -28.19 -3.21
C LYS B 208 -3.94 -27.91 -4.56
N GLY B 209 -4.76 -27.80 -5.62
CA GLY B 209 -4.29 -27.47 -6.98
C GLY B 209 -3.56 -26.15 -7.04
N ASP B 210 -4.12 -25.13 -6.37
CA ASP B 210 -3.50 -23.80 -6.28
C ASP B 210 -2.12 -23.92 -5.64
N ILE B 211 -2.06 -24.57 -4.48
CA ILE B 211 -0.78 -24.71 -3.74
C ILE B 211 0.27 -25.47 -4.60
N VAL B 212 -0.12 -26.59 -5.20
CA VAL B 212 0.80 -27.37 -6.10
C VAL B 212 1.31 -26.53 -7.29
N ARG B 213 0.43 -25.68 -7.84
CA ARG B 213 0.77 -24.79 -8.96
C ARG B 213 1.88 -23.82 -8.49
N GLY B 214 1.70 -23.22 -7.32
CA GLY B 214 2.71 -22.31 -6.74
C GLY B 214 4.04 -22.99 -6.46
N LEU B 215 3.98 -24.18 -5.86
CA LEU B 215 5.19 -24.97 -5.58
C LEU B 215 5.91 -25.28 -6.88
N ASN B 216 5.12 -25.64 -7.92
CA ASN B 216 5.67 -25.89 -9.27
C ASN B 216 6.33 -24.71 -9.94
N THR B 217 5.80 -23.50 -9.71
CA THR B 217 6.43 -22.27 -10.20
C THR B 217 7.79 -22.06 -9.55
N ALA B 218 7.86 -22.22 -8.23
CA ALA B 218 9.13 -22.12 -7.49
C ALA B 218 10.12 -23.19 -7.95
N LEU B 219 9.63 -24.42 -8.06
CA LEU B 219 10.48 -25.56 -8.45
C LEU B 219 11.06 -25.38 -9.87
N GLY B 220 10.23 -24.97 -10.82
CA GLY B 220 10.68 -24.71 -12.21
C GLY B 220 11.77 -23.66 -12.28
N GLY B 221 11.61 -22.59 -11.49
CA GLY B 221 12.58 -21.50 -11.38
C GLY B 221 13.91 -21.95 -10.80
N GLU B 222 13.85 -22.80 -9.77
CA GLU B 222 15.06 -23.36 -9.19
C GLU B 222 15.76 -24.33 -10.13
N ARG B 223 15.01 -25.22 -10.80
CA ARG B 223 15.58 -26.15 -11.79
C ARG B 223 16.28 -25.39 -12.91
N TYR B 224 15.63 -24.33 -13.41
CA TYR B 224 16.24 -23.50 -14.42
C TYR B 224 17.57 -22.92 -13.93
N SER B 225 17.54 -22.29 -12.75
CA SER B 225 18.74 -21.63 -12.21
C SER B 225 19.88 -22.59 -11.91
N LEU B 226 19.54 -23.85 -11.56
CA LEU B 226 20.52 -24.90 -11.34
C LEU B 226 21.26 -25.21 -12.63
N GLU B 227 20.51 -25.42 -13.72
CA GLU B 227 21.09 -25.71 -15.03
C GLU B 227 21.97 -24.54 -15.49
N ALA B 228 21.50 -23.31 -15.29
CA ALA B 228 22.25 -22.11 -15.66
C ALA B 228 23.56 -22.02 -14.86
N LEU B 229 23.49 -22.24 -13.54
CA LEU B 229 24.69 -22.24 -12.67
C LEU B 229 25.75 -23.28 -13.04
N GLU B 230 25.31 -24.49 -13.40
CA GLU B 230 26.25 -25.55 -13.84
C GLU B 230 26.92 -25.14 -15.14
N LYS B 231 26.15 -24.48 -16.02
CA LYS B 231 26.69 -23.94 -17.28
C LYS B 231 27.68 -22.79 -16.97
N TYR B 232 27.33 -21.93 -16.01
CA TYR B 232 28.19 -20.80 -15.62
C TYR B 232 29.48 -21.26 -14.96
N THR B 233 29.37 -22.26 -14.05
CA THR B 233 30.54 -22.76 -13.31
CA THR B 233 30.54 -22.81 -13.32
C THR B 233 31.64 -23.31 -14.23
N GLU B 234 31.27 -24.13 -15.22
CA GLU B 234 32.27 -24.67 -16.16
C GLU B 234 32.86 -23.60 -17.09
N LYS B 235 32.10 -22.53 -17.35
CA LYS B 235 32.57 -21.36 -18.12
C LYS B 235 33.43 -20.42 -17.27
N GLU B 236 33.29 -20.46 -15.95
CA GLU B 236 34.04 -19.60 -15.04
C GLU B 236 35.42 -20.20 -14.69
N SER B 237 36.49 -19.74 -15.37
CA SER B 237 37.87 -20.23 -15.14
C SER B 237 38.39 -19.83 -13.74
N ASP B 238 38.00 -18.62 -13.33
CA ASP B 238 38.26 -18.05 -12.01
C ASP B 238 37.80 -19.03 -10.91
N VAL B 239 38.74 -19.41 -10.04
CA VAL B 239 38.50 -20.41 -8.97
C VAL B 239 37.52 -19.97 -7.87
N GLU B 240 37.49 -18.67 -7.55
CA GLU B 240 36.63 -18.12 -6.48
C GLU B 240 35.16 -17.97 -6.89
N ALA B 241 34.93 -17.41 -8.09
CA ALA B 241 33.58 -17.25 -8.64
C ALA B 241 32.98 -18.62 -8.86
N LYS B 242 33.82 -19.55 -9.32
CA LYS B 242 33.46 -20.96 -9.49
C LYS B 242 33.05 -21.56 -8.14
N ALA B 243 33.81 -21.23 -7.08
CA ALA B 243 33.49 -21.69 -5.70
C ALA B 243 32.14 -21.17 -5.23
N LEU B 244 31.84 -19.87 -5.46
CA LEU B 244 30.53 -19.28 -5.10
C LEU B 244 29.41 -19.96 -5.88
N PHE B 245 29.60 -20.14 -7.19
CA PHE B 245 28.60 -20.84 -8.01
C PHE B 245 28.33 -22.27 -7.51
N GLN B 246 29.39 -23.04 -7.16
CA GLN B 246 29.23 -24.42 -6.68
CA GLN B 246 29.19 -24.42 -6.69
C GLN B 246 28.45 -24.44 -5.35
N GLU B 247 28.73 -23.45 -4.51
CA GLU B 247 28.01 -23.30 -3.23
C GLU B 247 26.52 -23.01 -3.52
N ILE B 249 24.87 -23.89 -6.34
CA ILE B 249 24.33 -25.16 -6.88
C ILE B 249 23.84 -26.05 -5.73
N THR B 250 24.68 -26.21 -4.70
CA THR B 250 24.29 -26.98 -3.49
C THR B 250 23.01 -26.42 -2.88
N ASN B 251 22.92 -25.10 -2.79
CA ASN B 251 21.72 -24.42 -2.27
C ASN B 251 20.47 -24.70 -3.13
N LYS B 252 20.60 -24.61 -4.46
CA LYS B 252 19.50 -24.94 -5.39
C LYS B 252 19.00 -26.37 -5.22
N GLN B 253 19.94 -27.32 -5.10
CA GLN B 253 19.61 -28.75 -4.92
C GLN B 253 18.84 -28.98 -3.61
N ARG B 254 19.23 -28.24 -2.59
CA ARG B 254 18.57 -28.23 -1.29
C ARG B 254 17.13 -27.72 -1.43
N HIS B 255 16.93 -26.58 -2.12
CA HIS B 255 15.58 -26.03 -2.37
C HIS B 255 14.70 -27.00 -3.17
N ILE B 256 15.28 -27.61 -4.21
CA ILE B 256 14.62 -28.62 -5.06
C ILE B 256 14.15 -29.82 -4.22
N GLU B 257 14.98 -30.31 -3.30
CA GLU B 257 14.58 -31.38 -2.36
C GLU B 257 13.39 -31.00 -1.49
N TYR B 258 13.40 -29.79 -0.93
CA TYR B 258 12.27 -29.31 -0.07
C TYR B 258 10.99 -29.23 -0.84
N LEU B 259 11.07 -28.65 -2.02
CA LEU B 259 9.91 -28.51 -2.90
C LEU B 259 9.39 -29.88 -3.31
N GLU B 260 10.28 -30.79 -3.69
CA GLU B 260 9.86 -32.16 -4.04
C GLU B 260 9.27 -32.94 -2.87
N THR B 261 9.88 -32.81 -1.70
CA THR B 261 9.34 -33.44 -0.48
C THR B 261 7.91 -33.00 -0.22
N TYR B 262 7.66 -31.69 -0.29
CA TYR B 262 6.32 -31.15 0.01
C TYR B 262 5.33 -31.47 -1.10
N LEU B 263 5.78 -31.39 -2.36
CA LEU B 263 4.95 -31.80 -3.49
C LEU B 263 4.56 -33.28 -3.38
N THR B 264 5.50 -34.13 -2.93
CA THR B 264 5.23 -35.56 -2.74
C THR B 264 4.16 -35.78 -1.68
N ARG B 265 4.26 -35.04 -0.57
CA ARG B 265 3.26 -35.09 0.50
C ARG B 265 1.86 -34.73 -0.04
N LEU B 266 1.80 -33.74 -0.94
CA LEU B 266 0.54 -33.32 -1.58
C LEU B 266 0.08 -34.22 -2.75
N GLY B 267 0.67 -35.40 -2.91
CA GLY B 267 0.24 -36.40 -3.89
C GLY B 267 0.91 -36.41 -5.23
N GLU B 268 1.94 -35.57 -5.42
CA GLU B 268 2.65 -35.49 -6.70
C GLU B 268 3.82 -36.45 -6.76
N LYS B 269 4.34 -36.67 -7.96
CA LYS B 269 5.58 -37.43 -8.15
C LYS B 269 6.47 -36.48 -8.95
N PRO B 270 7.04 -35.47 -8.25
CA PRO B 270 7.81 -34.45 -8.96
C PRO B 270 9.05 -34.93 -9.74
N SER B 271 9.76 -35.92 -9.24
CA SER B 271 10.96 -36.43 -9.93
C SER B 271 10.60 -37.11 -11.26
N LEU B 272 9.55 -37.93 -11.23
CA LEU B 272 9.03 -38.62 -12.40
C LEU B 272 8.55 -37.61 -13.43
N SER B 273 7.70 -36.68 -12.98
CA SER B 273 7.16 -35.61 -13.83
C SER B 273 8.26 -34.81 -14.51
N ALA B 274 9.30 -34.48 -13.76
CA ALA B 274 10.45 -33.73 -14.30
C ALA B 274 11.24 -34.55 -15.35
N ASN B 275 11.45 -35.84 -15.07
CA ASN B 275 12.13 -36.76 -16.01
C ASN B 275 11.34 -36.92 -17.29
N ILE B 276 10.02 -37.01 -17.17
CA ILE B 276 9.12 -37.08 -18.32
C ILE B 276 9.17 -35.78 -19.14
N ALA B 277 9.14 -34.63 -18.48
CA ALA B 277 9.10 -33.33 -19.19
C ALA B 277 10.41 -32.93 -19.86
N ASN B 278 11.50 -33.02 -19.11
CA ASN B 278 12.84 -32.57 -19.54
C ASN B 278 12.82 -31.13 -20.14
N GLN B 279 12.16 -30.24 -19.39
CA GLN B 279 11.93 -28.83 -19.78
C GLN B 279 13.18 -27.93 -19.83
N TYR B 280 14.24 -28.29 -19.10
CA TYR B 280 15.47 -27.48 -18.99
C TYR B 280 16.74 -28.05 -19.64
N ALA B 281 16.58 -29.01 -20.58
CA ALA B 281 17.70 -29.67 -21.27
C ALA B 281 18.44 -28.74 -22.26
N LYS B 282 17.71 -27.82 -22.90
CA LYS B 282 18.31 -26.85 -23.85
C LYS B 282 19.09 -25.69 -23.20
N VAL B 283 19.08 -25.58 -21.86
CA VAL B 283 19.83 -24.53 -21.13
C VAL B 283 21.36 -24.77 -21.22
N LYS B 284 21.77 -26.05 -21.11
CA LYS B 284 23.20 -26.44 -21.19
C LYS B 284 23.76 -26.42 -22.60
N THR B 285 22.97 -26.93 -23.57
CA THR B 285 23.40 -26.97 -24.99
C THR B 285 23.39 -25.61 -25.72
N ALA B 286 22.64 -24.62 -25.25
CA ALA B 286 22.62 -23.27 -25.89
C ALA B 286 23.99 -22.57 -25.72
N LEU B 287 24.63 -22.19 -26.84
CA LEU B 287 25.97 -21.53 -26.82
C LEU B 287 25.90 -20.08 -26.34
N THR B 288 26.83 -19.67 -25.47
CA THR B 288 26.93 -18.28 -24.97
C THR B 288 28.35 -17.72 -24.72
N GLY B 289 29.40 -18.50 -24.90
CA GLY B 289 30.74 -17.99 -24.63
C GLY B 289 31.02 -18.04 -23.15
N SER B 290 32.30 -17.88 -22.82
CA SER B 290 32.80 -18.11 -21.48
C SER B 290 33.49 -16.92 -20.83
N ASP B 291 32.97 -15.70 -21.04
CA ASP B 291 33.57 -14.53 -20.40
C ASP B 291 33.27 -14.63 -18.89
N ASP B 292 34.32 -14.55 -18.09
CA ASP B 292 34.24 -14.70 -16.62
C ASP B 292 33.28 -13.71 -15.97
N ILE B 293 33.42 -12.44 -16.29
CA ILE B 293 32.55 -11.40 -15.73
C ILE B 293 31.09 -11.53 -16.26
N TYR B 294 30.91 -11.94 -17.51
CA TYR B 294 29.55 -12.09 -18.08
C TYR B 294 28.71 -13.19 -17.37
N GLN B 295 29.38 -14.26 -16.95
CA GLN B 295 28.71 -15.33 -16.19
C GLN B 295 28.21 -14.78 -14.86
N ILE B 296 29.00 -13.91 -14.22
CA ILE B 296 28.62 -13.31 -12.92
C ILE B 296 27.40 -12.39 -13.10
N ARG B 297 27.41 -11.54 -14.13
CA ARG B 297 26.25 -10.67 -14.45
C ARG B 297 24.99 -11.48 -14.71
N SER B 298 25.14 -12.60 -15.42
CA SER B 298 24.03 -13.50 -15.73
C SER B 298 23.45 -14.13 -14.46
N ALA B 299 24.34 -14.65 -13.63
CA ALA B 299 23.94 -15.27 -12.36
C ALA B 299 23.29 -14.24 -11.43
N LEU B 300 23.80 -13.02 -11.42
CA LEU B 300 23.22 -11.96 -10.59
C LEU B 300 21.83 -11.61 -11.10
N GLY B 301 21.68 -11.48 -12.42
CA GLY B 301 20.34 -11.26 -12.99
C GLY B 301 19.37 -12.39 -12.69
N ASP B 302 19.82 -13.64 -12.78
CA ASP B 302 18.98 -14.80 -12.50
C ASP B 302 18.50 -14.80 -11.05
N ILE B 303 19.38 -14.41 -10.13
CA ILE B 303 19.03 -14.38 -8.71
C ILE B 303 17.99 -13.27 -8.45
N GLN B 304 18.12 -12.11 -9.11
CA GLN B 304 17.11 -11.03 -9.00
C GLN B 304 15.75 -11.49 -9.58
N THR B 305 15.75 -12.29 -10.65
CA THR B 305 14.49 -12.86 -11.16
C THR B 305 13.81 -13.71 -10.07
N GLY B 306 14.61 -14.55 -9.42
CA GLY B 306 14.14 -15.40 -8.34
C GLY B 306 13.58 -14.64 -7.16
N ILE B 307 14.30 -13.58 -6.76
CA ILE B 307 13.86 -12.72 -5.65
C ILE B 307 12.48 -12.14 -5.97
N GLY B 308 12.31 -11.67 -7.20
CA GLY B 308 11.00 -11.15 -7.65
C GLY B 308 9.91 -12.23 -7.65
N ASP B 309 10.16 -13.32 -8.35
CA ASP B 309 9.17 -14.41 -8.47
C ASP B 309 8.84 -15.10 -7.17
N ILE B 310 9.87 -15.48 -6.41
CA ILE B 310 9.64 -16.17 -5.12
C ILE B 310 9.02 -15.20 -4.11
N GLY B 311 9.47 -13.95 -4.13
CA GLY B 311 8.91 -12.89 -3.31
C GLY B 311 7.41 -12.80 -3.48
N ASN B 312 6.93 -12.78 -4.72
CA ASN B 312 5.51 -12.76 -5.02
C ASN B 312 4.77 -14.00 -4.47
N LEU B 313 5.35 -15.20 -4.64
CA LEU B 313 4.75 -16.44 -4.14
C LEU B 313 4.54 -16.47 -2.61
N CYS B 314 5.40 -15.75 -1.85
CA CYS B 314 5.29 -15.67 -0.36
C CYS B 314 3.95 -15.13 0.17
N ALA B 315 3.26 -14.31 -0.62
CA ALA B 315 1.96 -13.73 -0.23
C ALA B 315 0.76 -14.30 -0.99
N TYR B 317 -0.52 -17.76 -1.25
CA TYR B 317 -1.20 -18.98 -0.84
C TYR B 317 -1.57 -18.99 0.64
N THR B 318 -2.69 -19.64 0.96
CA THR B 318 -3.20 -19.76 2.32
C THR B 318 -2.70 -21.05 3.04
N ASP B 319 -1.53 -21.56 2.59
CA ASP B 319 -0.87 -22.68 3.21
C ASP B 319 0.36 -22.12 3.93
N PRO B 320 0.45 -22.28 5.27
CA PRO B 320 1.66 -21.81 5.96
C PRO B 320 2.95 -22.59 5.58
N ILE B 321 2.82 -23.87 5.18
CA ILE B 321 3.98 -24.70 4.84
C ILE B 321 4.59 -24.23 3.53
N ALA B 322 3.80 -24.19 2.47
CA ALA B 322 4.27 -23.65 1.16
C ALA B 322 4.87 -22.24 1.34
N THR B 323 4.15 -21.40 2.11
CA THR B 323 4.58 -20.05 2.39
C THR B 323 5.97 -20.06 3.05
N ALA B 324 6.15 -20.93 4.07
CA ALA B 324 7.45 -21.08 4.77
C ALA B 324 8.57 -21.51 3.84
N ILE B 325 8.29 -22.45 2.95
CA ILE B 325 9.27 -22.86 1.91
C ILE B 325 9.68 -21.67 1.04
N PHE B 326 8.71 -20.90 0.55
CA PHE B 326 9.02 -19.75 -0.32
C PHE B 326 9.86 -18.70 0.41
N LYS B 327 9.57 -18.46 1.69
CA LYS B 327 10.31 -17.50 2.52
C LYS B 327 11.75 -17.94 2.77
N GLU B 328 11.95 -19.25 2.96
CA GLU B 328 13.29 -19.82 3.10
C GLU B 328 14.11 -19.60 1.81
N ILE B 329 13.52 -19.92 0.67
CA ILE B 329 14.17 -19.72 -0.66
C ILE B 329 14.50 -18.23 -0.91
N TYR B 330 13.53 -17.36 -0.62
CA TYR B 330 13.70 -15.91 -0.73
C TYR B 330 14.92 -15.42 0.10
N LYS B 331 14.98 -15.86 1.36
CA LYS B 331 16.06 -15.55 2.30
C LYS B 331 17.41 -15.96 1.75
N ASP B 332 17.50 -17.18 1.22
CA ASP B 332 18.73 -17.65 0.58
C ASP B 332 19.09 -16.87 -0.67
N LEU B 333 18.11 -16.54 -1.49
CA LEU B 333 18.39 -15.74 -2.71
C LEU B 333 18.95 -14.34 -2.37
N VAL B 334 18.41 -13.71 -1.32
CA VAL B 334 18.88 -12.39 -0.91
C VAL B 334 20.34 -12.47 -0.43
N LYS B 335 20.65 -13.51 0.38
CA LYS B 335 22.01 -13.73 0.86
CA LYS B 335 22.01 -13.80 0.86
C LYS B 335 22.98 -13.91 -0.33
N TYR B 336 22.64 -14.78 -1.29
CA TYR B 336 23.52 -14.98 -2.46
C TYR B 336 23.65 -13.79 -3.41
N GLU B 337 22.62 -12.95 -3.50
CA GLU B 337 22.64 -11.69 -4.26
C GLU B 337 23.79 -10.84 -3.72
N GLN B 338 23.85 -10.71 -2.40
CA GLN B 338 24.91 -9.89 -1.77
C GLN B 338 26.32 -10.44 -2.05
N ARG B 339 26.43 -11.78 -2.10
CA ARG B 339 27.68 -12.48 -2.39
C ARG B 339 28.08 -12.30 -3.87
N LEU B 340 27.12 -12.43 -4.79
CA LEU B 340 27.40 -12.21 -6.22
C LEU B 340 27.81 -10.76 -6.51
N VAL B 341 27.07 -9.77 -5.94
CA VAL B 341 27.38 -8.35 -6.23
C VAL B 341 28.77 -7.97 -5.69
N SER B 342 29.13 -8.51 -4.51
CA SER B 342 30.48 -8.33 -3.95
C SER B 342 31.56 -8.90 -4.89
N LEU B 343 31.40 -10.17 -5.29
CA LEU B 343 32.30 -10.83 -6.25
C LEU B 343 32.40 -10.03 -7.57
N TYR B 344 31.23 -9.60 -8.06
CA TYR B 344 31.11 -8.86 -9.32
C TYR B 344 31.87 -7.54 -9.31
N ARG B 345 31.76 -6.80 -8.20
CA ARG B 345 32.47 -5.53 -8.02
CA ARG B 345 32.47 -5.53 -8.02
C ARG B 345 33.98 -5.73 -8.13
N THR B 346 34.49 -6.72 -7.36
CA THR B 346 35.94 -7.00 -7.30
C THR B 346 36.57 -7.41 -8.63
N ARG B 347 35.86 -8.20 -9.43
CA ARG B 347 36.36 -8.64 -10.74
C ARG B 347 36.36 -7.54 -11.83
N THR B 348 35.35 -6.65 -11.82
CA THR B 348 35.22 -5.60 -12.84
C THR B 348 36.17 -4.41 -12.60
N ASN B 349 37.03 -4.14 -13.59
CA ASN B 349 37.96 -3.00 -13.59
C ASN B 349 37.35 -1.80 -14.36
N ALA B 350 36.11 -1.45 -14.00
CA ALA B 350 35.30 -0.42 -14.65
C ALA B 350 33.92 -0.27 -13.96
N THR B 351 33.09 0.68 -14.46
CA THR B 351 31.73 0.84 -13.97
C THR B 351 30.98 -0.47 -14.23
N VAL B 352 30.46 -1.07 -13.16
CA VAL B 352 29.77 -2.35 -13.25
C VAL B 352 28.47 -2.17 -14.05
N GLN B 353 28.23 -3.10 -14.97
CA GLN B 353 27.02 -3.07 -15.75
C GLN B 353 25.89 -3.65 -14.91
N PRO B 354 24.63 -3.30 -15.24
CA PRO B 354 23.54 -3.86 -14.47
C PRO B 354 23.48 -5.39 -14.59
N PRO B 355 22.80 -6.07 -13.65
CA PRO B 355 22.58 -7.52 -13.76
C PRO B 355 21.90 -7.85 -15.11
N LYS B 356 22.21 -9.00 -15.70
CA LYS B 356 21.62 -9.39 -16.98
C LYS B 356 20.83 -10.71 -16.87
N PRO B 357 19.54 -10.63 -16.48
CA PRO B 357 18.75 -11.88 -16.35
C PRO B 357 18.62 -12.61 -17.68
N THR B 358 18.67 -13.94 -17.61
CA THR B 358 18.65 -14.78 -18.82
C THR B 358 17.24 -15.30 -19.18
N THR B 359 16.29 -15.19 -18.25
CA THR B 359 14.87 -15.54 -18.47
C THR B 359 13.95 -14.46 -17.89
N GLY B 360 12.69 -14.50 -18.31
CA GLY B 360 11.66 -13.61 -17.80
C GLY B 360 11.12 -14.13 -16.47
N ALA B 361 10.31 -13.28 -15.83
CA ALA B 361 9.61 -13.59 -14.59
C ALA B 361 8.72 -14.83 -14.77
#